data_4F9B
#
_entry.id   4F9B
#
_cell.length_a   60.920
_cell.length_b   67.880
_cell.length_c   238.160
_cell.angle_alpha   90.00
_cell.angle_beta   90.00
_cell.angle_gamma   90.00
#
_symmetry.space_group_name_H-M   'P 21 21 21'
#
loop_
_entity.id
_entity.type
_entity.pdbx_description
1 polymer 'Cell division cycle 7-related protein kinase'
2 polymer 'Protein DBF4 homolog A'
3 non-polymer 2-(pyridin-4-yl)-1,5,6,7-tetrahydro-4H-pyrrolo[3,2-c]pyridin-4-one
4 non-polymer 'ZINC ION'
5 water water
#
loop_
_entity_poly.entity_id
_entity_poly.type
_entity_poly.pdbx_seq_one_letter_code
_entity_poly.pdbx_strand_id
1 'polypeptide(L)'
;MLAGVKKDIEKLYEAVPQLSNVFKIEDKIGEGTFSSVYLATAQLQVGPEEKIALKHLIPTSHPIRIAAELQCLTVAGGQD
NVMGVKYCFRKNDHVVIAMPYLEHESFLDILNSLSFQEVREYMLNLFKALKRIHQFGIVHRDVKPSNFLYNRRLKKYALV
DFGLAQGTHDTKIELLKFVQSEAQQERCSQNKCSICLSRRQQVAPRAGTPGFRAPEVLTKCPNQTTAIDMWSAGVIFLSL
LSGRYPFYKASDDLTALAQIMTIRGSRETIQAAKTFGKSILCSKEVPAQDLRKLCERLRGMDSSTPKLTSDIQGHATNLE
GWNEVPDEAYDLLDKLLDLNPASRITAEEALLHPFFKDMSL
;
A,C
2 'polypeptide(L)'
;GPGTRTGRLKKPFVKVEDMSQLYRPFYLQLTNMPFINYSIQKPCSPFDVDKPSSMQKQTQVKLRIQTDGDKYGGTSIQLQ
LKEKKKKGYCECCLQKYEDLETHLLSEQHRNFAQSNQYQVVDDIVSKLVFDFVEYEKDTPKKKR
;
B,D
#
loop_
_chem_comp.id
_chem_comp.type
_chem_comp.name
_chem_comp.formula
0SY non-polymer 2-(pyridin-4-yl)-1,5,6,7-tetrahydro-4H-pyrrolo[3,2-c]pyridin-4-one 'C12 H11 N3 O'
ZN non-polymer 'ZINC ION' 'Zn 2'
#
# COMPACT_ATOMS: atom_id res chain seq x y z
N GLY A 4 10.33 7.46 -13.10
CA GLY A 4 8.95 7.45 -13.67
C GLY A 4 8.12 8.57 -13.08
N VAL A 5 7.66 8.39 -11.85
CA VAL A 5 7.04 9.46 -11.09
C VAL A 5 8.08 10.50 -10.64
N LYS A 6 9.35 10.08 -10.60
CA LYS A 6 10.49 10.93 -10.26
C LYS A 6 10.48 12.17 -11.13
N LYS A 7 10.11 11.97 -12.39
CA LYS A 7 10.03 13.05 -13.38
C LYS A 7 8.85 13.96 -13.06
N ASP A 8 7.69 13.37 -12.82
CA ASP A 8 6.50 14.12 -12.42
C ASP A 8 6.81 15.03 -11.23
N ILE A 9 7.22 14.43 -10.11
CA ILE A 9 7.62 15.16 -8.93
C ILE A 9 8.57 16.30 -9.26
N GLU A 10 9.70 15.98 -9.89
CA GLU A 10 10.69 16.99 -10.31
C GLU A 10 10.06 18.14 -11.06
N LYS A 11 9.09 17.83 -11.91
CA LYS A 11 8.48 18.84 -12.76
C LYS A 11 7.53 19.71 -11.96
N LEU A 12 7.00 19.15 -10.88
CA LEU A 12 6.10 19.89 -10.00
C LEU A 12 6.88 21.00 -9.27
N TYR A 13 8.04 20.64 -8.70
CA TYR A 13 9.00 21.64 -8.20
C TYR A 13 9.41 22.67 -9.28
N GLU A 14 9.66 22.23 -10.51
CA GLU A 14 9.96 23.15 -11.63
C GLU A 14 8.80 24.11 -11.91
N ALA A 15 7.59 23.63 -11.70
CA ALA A 15 6.38 24.37 -12.04
C ALA A 15 6.04 25.44 -10.98
N VAL A 16 6.14 25.05 -9.72
CA VAL A 16 5.81 25.91 -8.59
C VAL A 16 7.02 25.91 -7.65
N PRO A 17 7.97 26.80 -7.95
CA PRO A 17 9.25 26.97 -7.26
C PRO A 17 9.08 26.92 -5.75
N GLN A 18 8.12 27.70 -5.24
CA GLN A 18 7.91 27.84 -3.78
C GLN A 18 7.72 26.54 -2.99
N LEU A 19 7.23 25.49 -3.64
CA LEU A 19 7.10 24.18 -2.98
C LEU A 19 8.39 23.62 -2.37
N SER A 20 9.52 23.97 -2.99
CA SER A 20 10.84 23.46 -2.56
C SER A 20 11.13 23.84 -1.12
N ASN A 21 10.68 25.03 -0.74
CA ASN A 21 10.89 25.60 0.58
C ASN A 21 10.15 24.91 1.72
N VAL A 22 9.08 24.20 1.36
CA VAL A 22 8.06 23.81 2.32
C VAL A 22 7.84 22.31 2.37
N PHE A 23 7.81 21.65 1.20
CA PHE A 23 7.42 20.24 1.13
C PHE A 23 8.54 19.28 0.67
N LYS A 24 8.62 18.14 1.36
CA LYS A 24 9.35 17.00 0.85
C LYS A 24 8.31 16.09 0.18
N ILE A 25 8.18 16.23 -1.14
CA ILE A 25 7.22 15.44 -1.91
C ILE A 25 7.64 13.98 -2.08
N GLU A 26 6.89 13.08 -1.46
CA GLU A 26 7.29 11.68 -1.36
C GLU A 26 6.76 10.76 -2.45
N ASP A 27 5.65 11.12 -3.09
CA ASP A 27 4.94 10.20 -3.99
C ASP A 27 3.72 10.80 -4.68
N LYS A 28 3.39 10.27 -5.85
CA LYS A 28 2.13 10.55 -6.54
C LYS A 28 1.12 9.50 -6.12
N ILE A 29 -0.07 9.93 -5.70
CA ILE A 29 -1.06 8.98 -5.20
C ILE A 29 -2.29 8.90 -6.10
N GLY A 30 -2.43 9.85 -7.01
CA GLY A 30 -3.57 9.84 -7.92
C GLY A 30 -3.40 10.70 -9.13
N GLU A 31 -4.03 10.30 -10.22
CA GLU A 31 -4.16 11.12 -11.40
C GLU A 31 -5.61 11.07 -11.82
N GLY A 32 -6.04 12.11 -12.52
CA GLY A 32 -7.43 12.28 -12.92
C GLY A 32 -7.45 13.18 -14.11
N THR A 33 -8.64 13.45 -14.62
CA THR A 33 -8.78 14.20 -15.84
C THR A 33 -8.25 15.60 -15.63
N PHE A 34 -8.55 16.15 -14.46
CA PHE A 34 -8.38 17.57 -14.21
C PHE A 34 -7.32 17.89 -13.21
N SER A 35 -6.70 16.87 -12.63
CA SER A 35 -5.66 17.10 -11.65
C SER A 35 -4.89 15.85 -11.28
N SER A 36 -3.84 16.03 -10.48
CA SER A 36 -3.05 14.92 -9.93
C SER A 36 -2.79 15.23 -8.48
N VAL A 37 -2.57 14.20 -7.68
CA VAL A 37 -2.48 14.35 -6.23
C VAL A 37 -1.20 13.73 -5.74
N TYR A 38 -0.40 14.51 -5.04
CA TYR A 38 0.84 13.99 -4.48
C TYR A 38 0.81 13.89 -2.96
N LEU A 39 1.63 12.99 -2.41
CA LEU A 39 1.83 12.92 -0.95
C LEU A 39 3.13 13.62 -0.57
N ALA A 40 3.05 14.43 0.47
CA ALA A 40 4.17 15.27 0.91
C ALA A 40 4.27 15.33 2.41
N THR A 41 5.43 15.73 2.89
CA THR A 41 5.62 15.99 4.30
C THR A 41 6.06 17.41 4.48
N ALA A 42 5.56 18.02 5.55
CA ALA A 42 5.92 19.38 5.89
C ALA A 42 6.11 19.48 7.40
N GLN A 43 6.66 20.62 7.80
CA GLN A 43 6.85 20.95 9.19
C GLN A 43 5.86 22.05 9.50
N LEU A 44 5.15 21.91 10.62
CA LEU A 44 4.20 22.92 11.08
C LEU A 44 4.89 23.84 12.06
N GLN A 45 4.67 25.15 11.89
CA GLN A 45 5.11 26.14 12.87
C GLN A 45 4.83 25.72 14.31
N VAL A 46 3.72 25.04 14.52
CA VAL A 46 3.29 24.60 15.86
C VAL A 46 4.07 23.37 16.41
N GLY A 47 4.89 22.73 15.58
CA GLY A 47 5.83 21.71 16.11
C GLY A 47 5.85 20.35 15.44
N PRO A 48 4.70 19.66 15.39
CA PRO A 48 4.61 18.38 14.68
C PRO A 48 4.91 18.45 13.19
N GLU A 49 5.35 17.34 12.61
CA GLU A 49 5.44 17.22 11.15
C GLU A 49 4.12 16.70 10.63
N GLU A 50 3.64 17.24 9.51
CA GLU A 50 2.35 16.79 8.99
C GLU A 50 2.43 16.17 7.59
N LYS A 51 1.66 15.11 7.39
CA LYS A 51 1.48 14.55 6.05
C LYS A 51 0.43 15.36 5.30
N ILE A 52 0.72 15.68 4.06
CA ILE A 52 -0.07 16.64 3.31
C ILE A 52 -0.29 16.12 1.90
N ALA A 53 -1.53 16.27 1.41
CA ALA A 53 -1.86 16.00 0.03
C ALA A 53 -1.79 17.26 -0.78
N LEU A 54 -1.10 17.17 -1.91
CA LEU A 54 -0.94 18.29 -2.79
C LEU A 54 -1.64 17.95 -4.07
N LYS A 55 -2.62 18.75 -4.41
CA LYS A 55 -3.41 18.52 -5.58
C LYS A 55 -2.97 19.55 -6.58
N HIS A 56 -2.38 19.08 -7.66
CA HIS A 56 -1.92 19.93 -8.72
C HIS A 56 -2.95 19.99 -9.81
N LEU A 57 -3.49 21.18 -10.07
CA LEU A 57 -4.54 21.34 -11.06
C LEU A 57 -3.92 21.43 -12.43
N ILE A 58 -4.72 21.09 -13.44
CA ILE A 58 -4.30 21.08 -14.81
C ILE A 58 -4.28 22.54 -15.27
N PRO A 59 -3.10 23.03 -15.74
CA PRO A 59 -2.91 24.41 -16.15
C PRO A 59 -3.85 24.93 -17.23
N THR A 60 -4.73 24.08 -17.74
CA THR A 60 -5.69 24.56 -18.72
C THR A 60 -6.99 24.94 -18.05
N SER A 61 -7.00 24.85 -16.72
CA SER A 61 -8.17 25.18 -15.89
C SER A 61 -8.42 26.67 -15.92
N HIS A 62 -9.68 27.08 -16.03
CA HIS A 62 -10.00 28.48 -15.87
C HIS A 62 -9.75 28.96 -14.47
N PRO A 63 -9.25 30.20 -14.34
CA PRO A 63 -9.08 30.86 -13.04
C PRO A 63 -10.36 30.88 -12.18
N ILE A 64 -11.52 31.13 -12.79
CA ILE A 64 -12.72 31.11 -11.93
C ILE A 64 -12.98 29.70 -11.38
N ARG A 65 -12.78 28.69 -12.21
CA ARG A 65 -12.94 27.32 -11.78
C ARG A 65 -11.98 27.04 -10.65
N ILE A 66 -10.73 27.46 -10.80
CA ILE A 66 -9.77 27.25 -9.71
C ILE A 66 -10.27 27.89 -8.43
N ALA A 67 -10.59 29.18 -8.51
CA ALA A 67 -11.02 29.96 -7.33
C ALA A 67 -12.31 29.40 -6.72
N ALA A 68 -13.23 29.02 -7.60
CA ALA A 68 -14.48 28.33 -7.22
C ALA A 68 -14.23 27.08 -6.39
N GLU A 69 -13.28 26.26 -6.80
CA GLU A 69 -13.00 25.04 -6.04
C GLU A 69 -12.45 25.41 -4.70
N LEU A 70 -11.48 26.32 -4.74
CA LEU A 70 -10.82 26.79 -3.56
C LEU A 70 -11.81 27.41 -2.53
N GLN A 71 -12.74 28.22 -3.02
CA GLN A 71 -13.72 28.83 -2.13
C GLN A 71 -14.64 27.83 -1.44
N CYS A 72 -15.13 26.82 -2.17
CA CYS A 72 -15.85 25.69 -1.53
C CYS A 72 -15.02 25.11 -0.41
N LEU A 73 -13.71 24.90 -0.65
CA LEU A 73 -12.90 24.27 0.40
C LEU A 73 -12.73 25.16 1.60
N THR A 74 -12.66 26.47 1.35
CA THR A 74 -12.48 27.43 2.46
C THR A 74 -13.77 27.55 3.30
N VAL A 75 -14.91 27.77 2.64
CA VAL A 75 -16.18 28.01 3.33
C VAL A 75 -16.78 26.74 3.95
N ALA A 76 -17.10 25.75 3.10
CA ALA A 76 -17.76 24.53 3.59
C ALA A 76 -16.81 23.53 4.24
N GLY A 77 -15.56 23.49 3.78
CA GLY A 77 -14.59 22.47 4.19
C GLY A 77 -14.16 22.53 5.63
N GLY A 78 -13.40 21.53 6.09
CA GLY A 78 -12.78 21.53 7.41
C GLY A 78 -13.66 21.02 8.53
N GLN A 79 -14.85 20.54 8.19
CA GLN A 79 -15.87 20.21 9.20
C GLN A 79 -16.87 19.25 8.57
N ASP A 80 -17.48 18.41 9.41
CA ASP A 80 -18.50 17.42 9.00
C ASP A 80 -18.06 16.55 7.81
N ASN A 81 -16.89 15.89 7.94
CA ASN A 81 -16.40 14.94 6.94
C ASN A 81 -16.26 15.61 5.55
N VAL A 82 -16.16 16.95 5.51
CA VAL A 82 -15.81 17.64 4.25
C VAL A 82 -14.35 18.12 4.32
N MET A 83 -13.61 17.91 3.25
CA MET A 83 -12.18 18.24 3.20
C MET A 83 -11.99 19.74 3.24
N GLY A 84 -11.05 20.18 4.07
CA GLY A 84 -10.64 21.57 4.06
C GLY A 84 -9.29 21.78 3.39
N VAL A 85 -8.79 23.01 3.50
CA VAL A 85 -7.59 23.44 2.80
C VAL A 85 -6.63 24.13 3.77
N LYS A 86 -5.36 23.74 3.75
CA LYS A 86 -4.36 24.38 4.61
C LYS A 86 -3.88 25.60 3.89
N TYR A 87 -3.32 25.41 2.69
CA TYR A 87 -2.82 26.56 1.93
C TYR A 87 -2.84 26.25 0.44
N CYS A 88 -2.66 27.27 -0.39
CA CYS A 88 -2.64 27.07 -1.84
C CYS A 88 -1.51 27.90 -2.47
N PHE A 89 -0.83 27.34 -3.47
CA PHE A 89 0.33 28.00 -4.10
C PHE A 89 0.14 28.12 -5.60
N ARG A 90 0.46 29.30 -6.13
CA ARG A 90 0.41 29.51 -7.57
C ARG A 90 1.74 30.02 -8.17
N LYS A 91 1.98 29.65 -9.42
CA LYS A 91 3.01 30.23 -10.22
C LYS A 91 2.41 30.27 -11.62
N ASN A 92 2.02 31.46 -12.07
CA ASN A 92 1.23 31.61 -13.30
C ASN A 92 0.02 30.66 -13.35
N ASP A 93 0.04 29.69 -14.27
CA ASP A 93 -1.11 28.80 -14.49
C ASP A 93 -1.01 27.49 -13.70
N HIS A 94 -0.01 27.37 -12.83
CA HIS A 94 0.13 26.18 -12.02
C HIS A 94 -0.24 26.45 -10.61
N VAL A 95 -1.37 25.87 -10.20
CA VAL A 95 -1.91 25.99 -8.83
C VAL A 95 -1.85 24.65 -8.12
N VAL A 96 -1.52 24.68 -6.83
CA VAL A 96 -1.42 23.47 -6.04
C VAL A 96 -2.11 23.78 -4.74
N ILE A 97 -3.04 22.90 -4.38
CA ILE A 97 -3.86 23.06 -3.19
C ILE A 97 -3.29 22.08 -2.20
N ALA A 98 -3.10 22.53 -0.95
CA ALA A 98 -2.59 21.66 0.07
C ALA A 98 -3.67 21.37 1.09
N MET A 99 -3.76 20.10 1.50
CA MET A 99 -4.82 19.56 2.34
C MET A 99 -4.21 18.64 3.36
N PRO A 100 -4.84 18.52 4.53
CA PRO A 100 -4.30 17.49 5.43
C PRO A 100 -4.51 16.13 4.74
N TYR A 101 -3.64 15.15 5.01
CA TYR A 101 -3.67 13.89 4.29
C TYR A 101 -4.40 12.82 5.06
N LEU A 102 -5.35 12.18 4.41
CA LEU A 102 -6.09 11.11 5.07
C LEU A 102 -5.75 9.79 4.38
N GLU A 103 -5.08 8.90 5.09
CA GLU A 103 -4.76 7.60 4.54
C GLU A 103 -6.09 6.88 4.40
N HIS A 104 -6.37 6.33 3.22
CA HIS A 104 -7.69 5.78 2.92
C HIS A 104 -7.65 4.46 2.22
N GLU A 105 -8.78 3.76 2.23
CA GLU A 105 -8.92 2.47 1.55
C GLU A 105 -9.32 2.65 0.10
N SER A 106 -9.08 1.60 -0.68
CA SER A 106 -9.74 1.43 -1.94
C SER A 106 -11.17 0.95 -1.64
N PHE A 107 -12.11 1.50 -2.37
CA PHE A 107 -13.46 1.02 -2.26
C PHE A 107 -13.57 -0.46 -2.68
N LEU A 108 -13.01 -0.79 -3.86
CA LEU A 108 -12.98 -2.16 -4.38
C LEU A 108 -12.47 -3.10 -3.35
N ASP A 109 -11.54 -2.64 -2.52
CA ASP A 109 -10.96 -3.51 -1.52
C ASP A 109 -11.90 -3.86 -0.39
N ILE A 110 -12.27 -2.87 0.41
CA ILE A 110 -13.14 -3.12 1.53
C ILE A 110 -14.54 -3.56 1.12
N LEU A 111 -14.87 -3.40 -0.16
CA LEU A 111 -16.25 -3.61 -0.65
C LEU A 111 -16.97 -4.83 -0.05
N ASN A 112 -16.40 -6.01 -0.20
CA ASN A 112 -17.09 -7.18 0.28
C ASN A 112 -16.54 -7.68 1.58
N SER A 113 -16.01 -6.77 2.38
CA SER A 113 -15.50 -7.19 3.67
C SER A 113 -16.03 -6.37 4.85
N LEU A 114 -16.79 -5.31 4.59
CA LEU A 114 -17.36 -4.50 5.69
C LEU A 114 -18.51 -5.19 6.42
N SER A 115 -18.51 -5.08 7.75
CA SER A 115 -19.66 -5.52 8.50
C SER A 115 -20.85 -4.61 8.10
N PHE A 116 -22.07 -5.05 8.40
CA PHE A 116 -23.23 -4.26 8.05
C PHE A 116 -23.24 -2.93 8.83
N GLN A 117 -22.84 -3.00 10.10
CA GLN A 117 -22.70 -1.82 10.91
C GLN A 117 -21.81 -0.78 10.22
N GLU A 118 -20.73 -1.22 9.57
CA GLU A 118 -19.77 -0.25 9.01
C GLU A 118 -20.40 0.47 7.82
N VAL A 119 -21.35 -0.23 7.19
CA VAL A 119 -22.15 0.31 6.09
C VAL A 119 -23.13 1.41 6.55
N ARG A 120 -23.83 1.22 7.68
CA ARG A 120 -24.63 2.27 8.27
C ARG A 120 -23.71 3.43 8.57
N GLU A 121 -22.56 3.17 9.20
CA GLU A 121 -21.69 4.27 9.59
C GLU A 121 -21.15 5.04 8.40
N TYR A 122 -20.86 4.31 7.34
CA TYR A 122 -20.32 4.93 6.14
C TYR A 122 -21.37 5.85 5.50
N MET A 123 -22.60 5.34 5.39
CA MET A 123 -23.70 6.07 4.81
C MET A 123 -24.04 7.26 5.67
N LEU A 124 -24.17 7.00 6.98
CA LEU A 124 -24.35 8.07 7.92
C LEU A 124 -23.33 9.20 7.62
N ASN A 125 -22.05 8.85 7.59
CA ASN A 125 -21.08 9.88 7.48
C ASN A 125 -21.04 10.58 6.17
N LEU A 126 -21.53 9.93 5.12
CA LEU A 126 -21.58 10.59 3.80
C LEU A 126 -22.69 11.65 3.74
N PHE A 127 -23.81 11.38 4.43
CA PHE A 127 -24.94 12.33 4.48
C PHE A 127 -24.61 13.56 5.35
N LYS A 128 -23.83 13.37 6.43
CA LYS A 128 -23.32 14.55 7.16
C LYS A 128 -22.61 15.50 6.18
N ALA A 129 -21.67 14.97 5.42
CA ALA A 129 -20.92 15.74 4.46
C ALA A 129 -21.83 16.42 3.46
N LEU A 130 -22.78 15.69 2.90
CA LEU A 130 -23.71 16.30 1.92
C LEU A 130 -24.70 17.33 2.56
N LYS A 131 -25.15 17.06 3.79
CA LYS A 131 -25.91 18.06 4.51
C LYS A 131 -25.07 19.34 4.50
N ARG A 132 -23.80 19.21 4.88
CA ARG A 132 -22.96 20.38 4.97
C ARG A 132 -22.83 21.09 3.63
N ILE A 133 -22.49 20.39 2.55
CA ILE A 133 -22.27 21.15 1.32
C ILE A 133 -23.56 21.70 0.76
N HIS A 134 -24.67 21.02 1.09
CA HIS A 134 -25.98 21.41 0.56
C HIS A 134 -26.52 22.68 1.20
N GLN A 135 -26.30 22.85 2.50
CA GLN A 135 -26.55 24.15 3.14
C GLN A 135 -25.96 25.34 2.41
N PHE A 136 -24.77 25.20 1.82
CA PHE A 136 -24.16 26.33 1.09
C PHE A 136 -24.62 26.39 -0.33
N GLY A 137 -25.56 25.50 -0.68
CA GLY A 137 -25.99 25.46 -2.08
C GLY A 137 -24.91 24.97 -3.04
N ILE A 138 -24.05 24.06 -2.57
CA ILE A 138 -23.05 23.45 -3.47
C ILE A 138 -23.61 22.15 -4.08
N VAL A 139 -23.71 22.09 -5.39
CA VAL A 139 -24.05 20.83 -6.08
C VAL A 139 -22.71 20.18 -6.48
N HIS A 140 -22.28 19.16 -5.71
CA HIS A 140 -20.95 18.52 -5.90
C HIS A 140 -20.73 17.99 -7.28
N ARG A 141 -21.67 17.20 -7.77
CA ARG A 141 -21.68 16.73 -9.17
C ARG A 141 -20.77 15.54 -9.50
N ASP A 142 -19.96 15.08 -8.56
CA ASP A 142 -19.08 13.95 -8.81
C ASP A 142 -18.95 13.13 -7.54
N VAL A 143 -20.09 12.87 -6.89
CA VAL A 143 -20.09 12.02 -5.71
C VAL A 143 -19.98 10.57 -6.21
N LYS A 144 -18.95 9.88 -5.72
CA LYS A 144 -18.64 8.48 -6.02
C LYS A 144 -17.62 8.05 -5.00
N PRO A 145 -17.39 6.74 -4.87
CA PRO A 145 -16.54 6.32 -3.72
C PRO A 145 -15.12 6.89 -3.73
N SER A 146 -14.57 7.12 -4.90
CA SER A 146 -13.20 7.62 -4.95
C SER A 146 -13.09 9.08 -4.53
N ASN A 147 -14.22 9.79 -4.47
CA ASN A 147 -14.26 11.16 -3.95
C ASN A 147 -14.76 11.22 -2.51
N PHE A 148 -14.83 10.06 -1.86
CA PHE A 148 -15.23 10.04 -0.47
C PHE A 148 -14.24 9.13 0.27
N LEU A 149 -13.26 9.76 0.90
CA LEU A 149 -12.17 9.07 1.49
C LEU A 149 -12.63 8.46 2.76
N TYR A 150 -12.33 7.17 2.90
CA TYR A 150 -12.68 6.42 4.10
C TYR A 150 -11.46 5.78 4.71
N ASN A 151 -11.17 6.12 5.96
CA ASN A 151 -10.20 5.40 6.76
C ASN A 151 -10.90 4.46 7.72
N ARG A 152 -10.87 3.17 7.41
CA ARG A 152 -11.58 2.15 8.20
C ARG A 152 -11.09 1.97 9.64
N ARG A 153 -9.80 2.20 9.86
CA ARG A 153 -9.22 1.94 11.15
C ARG A 153 -9.53 3.10 12.09
N LEU A 154 -9.31 4.32 11.62
CA LEU A 154 -9.59 5.51 12.40
C LEU A 154 -11.07 5.92 12.41
N LYS A 155 -11.89 5.24 11.61
CA LYS A 155 -13.28 5.65 11.34
C LYS A 155 -13.39 7.15 11.00
N LYS A 156 -12.60 7.60 10.03
CA LYS A 156 -12.61 8.98 9.56
C LYS A 156 -12.97 9.06 8.09
N TYR A 157 -13.63 10.15 7.70
CA TYR A 157 -14.26 10.27 6.39
C TYR A 157 -13.99 11.63 5.78
N ALA A 158 -14.05 11.74 4.45
CA ALA A 158 -13.80 13.03 3.85
C ALA A 158 -14.30 13.17 2.40
N LEU A 159 -15.28 14.03 2.17
CA LEU A 159 -15.67 14.32 0.81
C LEU A 159 -14.63 15.26 0.19
N VAL A 160 -14.13 14.91 -1.01
CA VAL A 160 -13.10 15.72 -1.68
C VAL A 160 -13.52 16.05 -3.08
N ASP A 161 -12.78 16.98 -3.67
CA ASP A 161 -12.91 17.40 -5.07
C ASP A 161 -14.13 18.25 -5.39
N PHE A 162 -13.94 19.57 -5.43
CA PHE A 162 -14.97 20.50 -5.89
C PHE A 162 -14.65 21.06 -7.24
N GLY A 163 -13.76 20.37 -7.95
CA GLY A 163 -13.36 20.80 -9.26
C GLY A 163 -14.49 20.70 -10.26
N LEU A 164 -15.62 20.10 -9.88
CA LEU A 164 -16.72 19.95 -10.85
C LEU A 164 -18.01 20.59 -10.40
N ALA A 165 -17.97 21.20 -9.22
CA ALA A 165 -19.15 21.75 -8.57
C ALA A 165 -19.87 22.85 -9.36
N GLN A 166 -21.16 22.98 -9.06
CA GLN A 166 -22.01 24.07 -9.55
C GLN A 166 -22.78 24.59 -8.36
N GLY A 167 -23.47 25.71 -8.54
CA GLY A 167 -24.29 26.25 -7.45
C GLY A 167 -25.75 26.01 -7.68
N THR A 168 -26.50 25.88 -6.58
CA THR A 168 -27.95 26.12 -6.65
C THR A 168 -28.16 27.62 -6.92
N HIS A 169 -29.23 27.95 -7.64
CA HIS A 169 -29.53 29.36 -8.02
C HIS A 169 -29.39 30.39 -6.91
N ASP A 170 -29.48 29.93 -5.65
CA ASP A 170 -29.29 30.76 -4.47
C ASP A 170 -28.07 30.31 -3.63
N THR A 171 -26.97 29.98 -4.30
CA THR A 171 -25.79 29.45 -3.62
C THR A 171 -25.18 30.49 -2.71
N LYS A 172 -24.85 30.06 -1.51
CA LYS A 172 -24.10 30.88 -0.58
C LYS A 172 -22.62 30.96 -0.98
N ILE A 173 -22.26 30.47 -2.18
CA ILE A 173 -20.86 30.44 -2.64
C ILE A 173 -20.73 31.22 -3.94
N GLU A 174 -20.28 32.45 -3.80
CA GLU A 174 -20.42 33.46 -4.85
C GLU A 174 -19.90 33.00 -6.21
N LEU A 175 -18.64 32.52 -6.25
CA LEU A 175 -18.01 32.16 -7.53
C LEU A 175 -18.73 31.06 -8.32
N LEU A 176 -19.48 30.20 -7.62
CA LEU A 176 -20.21 29.13 -8.31
C LEU A 176 -21.18 29.65 -9.36
N LYS A 177 -21.64 30.88 -9.20
CA LYS A 177 -22.57 31.52 -10.13
C LYS A 177 -21.99 31.77 -11.53
N PHE A 178 -20.67 31.71 -11.69
CA PHE A 178 -20.01 31.91 -13.00
C PHE A 178 -19.74 30.61 -13.76
N VAL A 179 -20.11 29.49 -13.15
CA VAL A 179 -19.95 28.17 -13.77
C VAL A 179 -21.18 27.83 -14.63
N GLN A 180 -20.96 27.62 -15.93
CA GLN A 180 -22.05 27.25 -16.84
C GLN A 180 -22.52 25.80 -16.62
N SER A 181 -23.82 25.58 -16.83
CA SER A 181 -24.41 24.24 -16.78
C SER A 181 -24.32 23.53 -18.14
N GLU A 182 -24.20 22.21 -18.11
CA GLU A 182 -24.12 21.36 -19.32
C GLU A 182 -25.28 21.60 -20.27
N ALA A 183 -26.38 22.09 -19.70
CA ALA A 183 -27.59 22.40 -20.44
C ALA A 183 -27.36 23.50 -21.47
N GLN A 184 -26.51 24.47 -21.13
CA GLN A 184 -26.12 25.55 -22.03
C GLN A 184 -25.02 25.12 -23.01
N GLN A 185 -24.20 24.16 -22.57
CA GLN A 185 -23.09 23.53 -23.34
C GLN A 185 -21.79 24.33 -23.24
N VAL A 203 -17.48 29.95 -16.92
CA VAL A 203 -16.67 28.78 -17.26
C VAL A 203 -17.51 27.55 -17.63
N ALA A 204 -16.87 26.68 -18.41
CA ALA A 204 -17.48 25.47 -18.96
C ALA A 204 -17.85 24.40 -17.91
N PRO A 205 -18.90 23.61 -18.21
CA PRO A 205 -19.20 22.50 -17.30
C PRO A 205 -18.20 21.37 -17.55
N ARG A 206 -17.94 20.60 -16.51
CA ARG A 206 -17.03 19.47 -16.59
C ARG A 206 -17.82 18.14 -16.51
N ALA A 207 -17.48 17.20 -17.39
CA ALA A 207 -18.19 15.91 -17.41
C ALA A 207 -17.82 15.04 -16.21
N GLY A 208 -18.82 14.36 -15.66
CA GLY A 208 -18.62 13.43 -14.53
C GLY A 208 -18.80 12.00 -15.01
N THR A 209 -18.68 11.06 -14.08
CA THR A 209 -18.84 9.62 -14.36
C THR A 209 -20.32 9.24 -14.63
N PRO A 210 -20.63 8.73 -15.84
CA PRO A 210 -22.01 8.35 -16.19
C PRO A 210 -22.74 7.50 -15.13
N GLY A 211 -22.04 6.56 -14.53
CA GLY A 211 -22.66 5.60 -13.63
C GLY A 211 -23.12 6.14 -12.29
N PHE A 212 -22.74 7.38 -11.97
CA PHE A 212 -23.19 8.01 -10.70
C PHE A 212 -24.14 9.19 -10.93
N ARG A 213 -24.38 9.51 -12.19
CA ARG A 213 -25.25 10.58 -12.63
C ARG A 213 -26.71 10.21 -12.66
N ALA A 214 -27.52 11.15 -12.13
CA ALA A 214 -28.96 10.93 -11.95
C ALA A 214 -29.62 11.07 -13.31
N PRO A 215 -30.81 10.49 -13.49
CA PRO A 215 -31.49 10.52 -14.78
C PRO A 215 -31.73 11.92 -15.32
N GLU A 216 -31.95 12.91 -14.44
CA GLU A 216 -32.17 14.31 -14.91
C GLU A 216 -30.89 14.90 -15.52
N VAL A 217 -29.74 14.55 -14.94
CA VAL A 217 -28.43 14.85 -15.55
C VAL A 217 -28.23 14.09 -16.88
N LEU A 218 -28.43 12.76 -16.88
CA LEU A 218 -28.33 11.94 -18.12
C LEU A 218 -29.26 12.43 -19.26
N THR A 219 -30.38 13.03 -18.91
CA THR A 219 -31.32 13.44 -19.94
C THR A 219 -31.13 14.90 -20.32
N LYS A 220 -30.08 15.53 -19.80
CA LYS A 220 -29.70 16.90 -20.11
C LYS A 220 -30.73 17.93 -19.61
N CYS A 221 -31.19 17.74 -18.37
CA CYS A 221 -32.16 18.64 -17.79
C CYS A 221 -31.51 19.95 -17.26
N PRO A 222 -32.00 21.10 -17.78
CA PRO A 222 -31.44 22.42 -17.45
C PRO A 222 -31.56 22.75 -15.98
N ASN A 223 -32.54 22.16 -15.30
CA ASN A 223 -32.67 22.43 -13.89
C ASN A 223 -32.01 21.33 -13.07
N GLN A 224 -30.85 21.62 -12.50
CA GLN A 224 -30.15 20.58 -11.75
C GLN A 224 -29.85 21.02 -10.32
N THR A 225 -30.37 20.27 -9.36
CA THR A 225 -30.40 20.67 -7.95
C THR A 225 -29.52 19.75 -7.16
N THR A 226 -29.51 19.91 -5.84
CA THR A 226 -28.66 19.07 -5.01
C THR A 226 -29.17 17.61 -4.98
N ALA A 227 -30.35 17.39 -5.53
CA ALA A 227 -30.94 16.07 -5.58
C ALA A 227 -29.98 15.14 -6.36
N ILE A 228 -29.30 15.69 -7.38
CA ILE A 228 -28.37 14.89 -8.16
C ILE A 228 -27.28 14.22 -7.30
N ASP A 229 -26.82 14.90 -6.24
CA ASP A 229 -25.82 14.29 -5.35
C ASP A 229 -26.42 13.16 -4.53
N MET A 230 -27.72 13.25 -4.19
CA MET A 230 -28.41 12.25 -3.38
C MET A 230 -28.59 10.92 -4.13
N TRP A 231 -28.82 11.05 -5.42
CA TRP A 231 -28.90 9.94 -6.28
C TRP A 231 -27.55 9.24 -6.32
N SER A 232 -26.48 9.98 -6.61
CA SER A 232 -25.13 9.45 -6.45
C SER A 232 -24.93 8.71 -5.12
N ALA A 233 -25.41 9.26 -4.03
CA ALA A 233 -25.22 8.52 -2.76
C ALA A 233 -26.01 7.21 -2.81
N GLY A 234 -27.12 7.23 -3.55
CA GLY A 234 -27.92 6.03 -3.67
C GLY A 234 -27.14 4.93 -4.38
N VAL A 235 -26.55 5.29 -5.52
CA VAL A 235 -25.66 4.39 -6.24
C VAL A 235 -24.54 3.81 -5.38
N ILE A 236 -23.91 4.63 -4.56
CA ILE A 236 -22.93 4.09 -3.65
C ILE A 236 -23.58 3.02 -2.78
N PHE A 237 -24.75 3.31 -2.22
CA PHE A 237 -25.42 2.43 -1.28
C PHE A 237 -25.80 1.12 -2.01
N LEU A 238 -26.29 1.24 -3.24
CA LEU A 238 -26.57 0.11 -4.08
C LEU A 238 -25.31 -0.79 -4.15
N SER A 239 -24.15 -0.22 -4.50
CA SER A 239 -22.91 -0.98 -4.46
C SER A 239 -22.69 -1.60 -3.10
N LEU A 240 -22.89 -0.87 -2.01
CA LEU A 240 -22.65 -1.53 -0.72
C LEU A 240 -23.63 -2.67 -0.46
N LEU A 241 -24.84 -2.57 -0.96
CA LEU A 241 -25.82 -3.53 -0.56
C LEU A 241 -25.72 -4.79 -1.40
N SER A 242 -25.37 -4.58 -2.67
CA SER A 242 -25.35 -5.61 -3.70
C SER A 242 -23.97 -6.32 -3.76
N GLY A 243 -22.98 -5.76 -3.09
CA GLY A 243 -21.58 -6.18 -3.23
C GLY A 243 -20.93 -5.97 -4.60
N ARG A 244 -21.55 -5.20 -5.51
CA ARG A 244 -20.97 -5.00 -6.85
C ARG A 244 -20.51 -3.56 -7.10
N TYR A 245 -19.28 -3.39 -7.57
CA TYR A 245 -18.76 -2.09 -7.99
C TYR A 245 -17.82 -2.25 -9.16
N PRO A 246 -17.95 -1.38 -10.17
CA PRO A 246 -18.95 -0.32 -10.34
C PRO A 246 -20.28 -0.97 -10.62
N PHE A 247 -21.35 -0.47 -10.01
CA PHE A 247 -22.64 -1.07 -10.26
C PHE A 247 -23.02 -0.83 -11.71
N TYR A 248 -23.13 0.44 -12.12
CA TYR A 248 -23.41 0.79 -13.51
C TYR A 248 -22.12 1.03 -14.26
N LYS A 249 -21.83 0.16 -15.19
CA LYS A 249 -20.65 0.20 -16.03
C LYS A 249 -21.07 0.73 -17.39
N ALA A 250 -20.90 2.03 -17.60
CA ALA A 250 -21.31 2.69 -18.85
C ALA A 250 -20.32 3.78 -19.19
N SER A 251 -20.12 4.00 -20.48
CA SER A 251 -19.13 4.96 -20.91
C SER A 251 -19.81 6.19 -21.51
N ASP A 252 -21.10 6.11 -21.83
CA ASP A 252 -21.85 7.28 -22.21
C ASP A 252 -23.11 7.43 -21.33
N ASP A 253 -23.88 8.50 -21.51
CA ASP A 253 -24.97 8.80 -20.57
C ASP A 253 -26.18 7.91 -20.77
N LEU A 254 -26.62 7.79 -22.01
CA LEU A 254 -27.76 6.93 -22.35
C LEU A 254 -27.63 5.45 -21.99
N THR A 255 -26.44 4.88 -22.20
CA THR A 255 -26.14 3.55 -21.71
C THR A 255 -26.39 3.48 -20.23
N ALA A 256 -25.84 4.42 -19.49
CA ALA A 256 -26.16 4.53 -18.07
C ALA A 256 -27.69 4.56 -17.81
N LEU A 257 -28.42 5.35 -18.59
CA LEU A 257 -29.86 5.46 -18.37
C LEU A 257 -30.53 4.13 -18.63
N ALA A 258 -30.18 3.51 -19.77
CA ALA A 258 -30.71 2.18 -20.12
C ALA A 258 -30.44 1.18 -19.00
N GLN A 259 -29.28 1.25 -18.37
CA GLN A 259 -29.04 0.36 -17.26
C GLN A 259 -29.98 0.73 -16.08
N ILE A 260 -30.16 2.03 -15.82
CA ILE A 260 -31.03 2.47 -14.71
C ILE A 260 -32.46 1.97 -14.93
N MET A 261 -32.97 2.10 -16.14
CA MET A 261 -34.32 1.62 -16.48
C MET A 261 -34.46 0.12 -16.23
N THR A 262 -33.36 -0.62 -16.32
CA THR A 262 -33.39 -2.06 -16.08
C THR A 262 -33.56 -2.33 -14.58
N ILE A 263 -33.10 -1.40 -13.77
CA ILE A 263 -33.20 -1.55 -12.33
C ILE A 263 -34.50 -0.98 -11.80
N ARG A 264 -34.88 0.20 -12.28
CA ARG A 264 -35.97 0.99 -11.68
C ARG A 264 -37.22 0.94 -12.53
N GLY A 265 -37.11 0.33 -13.70
CA GLY A 265 -38.27 0.13 -14.56
C GLY A 265 -38.29 1.17 -15.64
N SER A 266 -38.55 0.74 -16.87
CA SER A 266 -38.72 1.75 -17.93
C SER A 266 -39.98 2.60 -17.84
N ARG A 267 -41.12 2.03 -17.45
CA ARG A 267 -42.35 2.85 -17.31
C ARG A 267 -42.17 3.93 -16.27
N GLU A 268 -41.61 3.52 -15.14
CA GLU A 268 -41.42 4.40 -14.00
C GLU A 268 -40.48 5.55 -14.39
N THR A 269 -39.49 5.24 -15.25
CA THR A 269 -38.49 6.22 -15.69
C THR A 269 -39.08 7.18 -16.72
N ILE A 270 -39.79 6.63 -17.69
CA ILE A 270 -40.57 7.44 -18.60
C ILE A 270 -41.53 8.40 -17.87
N GLN A 271 -42.33 7.90 -16.92
CA GLN A 271 -43.23 8.80 -16.18
C GLN A 271 -42.48 9.91 -15.45
N ALA A 272 -41.42 9.54 -14.75
CA ALA A 272 -40.72 10.48 -13.90
C ALA A 272 -40.10 11.59 -14.74
N ALA A 273 -39.69 11.24 -15.95
CA ALA A 273 -38.97 12.16 -16.82
C ALA A 273 -39.92 13.18 -17.46
N LYS A 274 -41.17 12.76 -17.65
CA LYS A 274 -42.25 13.70 -18.01
C LYS A 274 -42.38 14.84 -16.99
N THR A 275 -42.17 14.56 -15.71
CA THR A 275 -42.30 15.60 -14.69
C THR A 275 -41.18 16.64 -14.78
N PHE A 276 -40.09 16.33 -15.48
CA PHE A 276 -39.01 17.34 -15.62
C PHE A 276 -38.70 17.70 -17.06
N GLY A 277 -39.66 17.44 -17.95
CA GLY A 277 -39.66 18.02 -19.28
C GLY A 277 -39.03 17.17 -20.35
N LYS A 278 -38.79 15.91 -20.04
CA LYS A 278 -38.12 15.01 -20.97
C LYS A 278 -39.02 13.91 -21.41
N SER A 279 -39.06 13.71 -22.71
CA SER A 279 -39.82 12.64 -23.28
C SER A 279 -38.87 11.50 -23.65
N ILE A 280 -38.97 10.40 -22.91
CA ILE A 280 -38.14 9.25 -23.13
C ILE A 280 -38.89 8.11 -23.84
N LEU A 281 -38.39 7.72 -25.01
CA LEU A 281 -38.85 6.51 -25.71
C LEU A 281 -37.91 5.35 -25.49
N CYS A 282 -38.48 4.17 -25.34
CA CYS A 282 -37.69 2.94 -25.14
C CYS A 282 -38.43 1.81 -25.85
N SER A 283 -37.71 0.99 -26.60
CA SER A 283 -38.38 0.01 -27.46
C SER A 283 -38.66 -1.32 -26.75
N LYS A 284 -37.88 -1.64 -25.73
CA LYS A 284 -38.09 -2.81 -24.89
C LYS A 284 -38.52 -2.42 -23.46
N GLU A 285 -39.75 -2.72 -23.07
CA GLU A 285 -40.19 -2.44 -21.73
C GLU A 285 -39.56 -3.40 -20.73
N VAL A 286 -39.09 -2.87 -19.60
CA VAL A 286 -38.48 -3.67 -18.57
C VAL A 286 -39.12 -3.29 -17.22
N PRO A 287 -39.45 -4.29 -16.41
CA PRO A 287 -40.14 -3.96 -15.17
C PRO A 287 -39.15 -3.46 -14.11
N ALA A 288 -39.66 -2.71 -13.12
CA ALA A 288 -38.92 -2.35 -11.91
C ALA A 288 -38.60 -3.59 -11.12
N GLN A 289 -37.44 -3.57 -10.51
CA GLN A 289 -36.96 -4.61 -9.60
C GLN A 289 -37.25 -4.31 -8.13
N ASP A 290 -37.64 -5.32 -7.38
CA ASP A 290 -37.60 -5.25 -5.96
C ASP A 290 -36.13 -5.07 -5.52
N LEU A 291 -35.85 -4.04 -4.75
CA LEU A 291 -34.48 -3.77 -4.35
C LEU A 291 -33.91 -4.80 -3.43
N ARG A 292 -34.69 -5.34 -2.50
CA ARG A 292 -34.20 -6.40 -1.58
C ARG A 292 -33.76 -7.68 -2.35
N LYS A 293 -34.61 -8.22 -3.21
CA LYS A 293 -34.25 -9.43 -3.93
C LYS A 293 -33.04 -9.18 -4.79
N LEU A 294 -33.01 -7.99 -5.40
CA LEU A 294 -31.93 -7.66 -6.31
C LEU A 294 -30.59 -7.69 -5.63
N CYS A 295 -30.53 -7.07 -4.44
CA CYS A 295 -29.31 -6.97 -3.68
C CYS A 295 -28.96 -8.30 -3.09
N GLU A 296 -29.94 -8.97 -2.49
CA GLU A 296 -29.74 -10.30 -1.92
C GLU A 296 -29.18 -11.29 -2.97
N ARG A 297 -29.81 -11.38 -4.13
CA ARG A 297 -29.34 -12.22 -5.23
C ARG A 297 -27.95 -11.78 -5.75
N LEU A 298 -27.67 -10.48 -5.84
CA LEU A 298 -26.32 -10.09 -6.27
C LEU A 298 -25.23 -10.38 -5.23
N ARG A 299 -25.61 -10.66 -3.99
CA ARG A 299 -24.60 -10.95 -2.92
C ARG A 299 -24.18 -12.43 -2.79
N GLY A 321 -23.88 -8.78 10.25
CA GLY A 321 -25.29 -8.35 10.28
C GLY A 321 -25.98 -8.63 8.95
N TRP A 322 -25.24 -9.27 8.04
CA TRP A 322 -25.70 -9.43 6.67
C TRP A 322 -26.77 -10.45 6.50
N ASN A 323 -27.15 -11.12 7.58
CA ASN A 323 -28.24 -12.09 7.56
C ASN A 323 -29.59 -11.45 7.82
N GLU A 324 -29.57 -10.29 8.45
CA GLU A 324 -30.79 -9.60 8.88
C GLU A 324 -30.75 -8.11 8.46
N VAL A 325 -30.55 -7.86 7.17
CA VAL A 325 -30.55 -6.50 6.71
C VAL A 325 -32.00 -6.07 6.84
N PRO A 326 -32.26 -5.03 7.64
CA PRO A 326 -33.64 -4.56 7.90
C PRO A 326 -34.28 -3.92 6.68
N ASP A 327 -35.60 -3.94 6.63
CA ASP A 327 -36.36 -3.31 5.58
C ASP A 327 -36.00 -1.82 5.37
N GLU A 328 -35.69 -1.15 6.46
CA GLU A 328 -35.39 0.27 6.43
C GLU A 328 -34.25 0.60 5.45
N ALA A 329 -33.31 -0.33 5.30
CA ALA A 329 -32.17 -0.17 4.41
C ALA A 329 -32.60 -0.04 2.98
N TYR A 330 -33.43 -0.97 2.52
CA TYR A 330 -33.96 -0.92 1.16
C TYR A 330 -34.94 0.21 0.93
N ASP A 331 -35.68 0.53 2.00
CA ASP A 331 -36.62 1.64 1.96
C ASP A 331 -35.84 2.94 1.71
N LEU A 332 -34.76 3.14 2.49
CA LEU A 332 -33.90 4.28 2.23
C LEU A 332 -33.33 4.27 0.80
N LEU A 333 -32.90 3.09 0.32
CA LEU A 333 -32.31 3.01 -1.03
C LEU A 333 -33.34 3.41 -2.02
N ASP A 334 -34.56 2.97 -1.79
CA ASP A 334 -35.64 3.35 -2.67
C ASP A 334 -35.83 4.91 -2.75
N LYS A 335 -35.67 5.60 -1.63
CA LYS A 335 -35.89 7.04 -1.60
C LYS A 335 -34.74 7.78 -2.21
N LEU A 336 -33.54 7.21 -2.07
CA LEU A 336 -32.34 7.79 -2.71
C LEU A 336 -32.38 7.65 -4.22
N LEU A 337 -32.95 6.55 -4.69
CA LEU A 337 -32.96 6.30 -6.14
C LEU A 337 -34.32 6.56 -6.69
N ASP A 338 -34.90 7.61 -6.14
CA ASP A 338 -36.13 8.17 -6.64
C ASP A 338 -35.89 8.81 -7.98
N LEU A 339 -36.57 8.30 -8.96
CA LEU A 339 -36.44 8.81 -10.31
C LEU A 339 -36.89 10.28 -10.42
N ASN A 340 -37.74 10.70 -9.50
CA ASN A 340 -38.21 12.09 -9.45
C ASN A 340 -37.32 12.94 -8.52
N PRO A 341 -36.59 13.89 -9.12
CA PRO A 341 -35.66 14.75 -8.34
C PRO A 341 -36.41 15.61 -7.31
N ALA A 342 -37.64 16.00 -7.59
CA ALA A 342 -38.48 16.75 -6.60
C ALA A 342 -38.79 15.90 -5.34
N SER A 343 -39.07 14.61 -5.52
CA SER A 343 -39.39 13.80 -4.33
C SER A 343 -38.21 13.10 -3.72
N ARG A 344 -37.09 13.07 -4.43
CA ARG A 344 -35.93 12.38 -3.89
C ARG A 344 -35.61 12.88 -2.47
N ILE A 345 -35.30 11.96 -1.58
CA ILE A 345 -34.91 12.29 -0.24
C ILE A 345 -33.70 13.27 -0.22
N THR A 346 -33.54 14.10 0.82
CA THR A 346 -32.47 15.10 0.86
C THR A 346 -31.51 14.61 1.95
N ALA A 347 -30.34 15.25 1.99
CA ALA A 347 -29.33 14.87 2.94
C ALA A 347 -29.80 14.97 4.38
N GLU A 348 -30.55 16.01 4.74
CA GLU A 348 -30.93 16.15 6.17
C GLU A 348 -32.12 15.29 6.50
N GLU A 349 -33.01 15.10 5.53
CA GLU A 349 -34.06 14.10 5.67
C GLU A 349 -33.43 12.70 5.87
N ALA A 350 -32.43 12.36 5.03
CA ALA A 350 -31.78 11.03 5.12
C ALA A 350 -31.23 10.75 6.49
N LEU A 351 -30.54 11.73 7.06
CA LEU A 351 -30.06 11.59 8.45
C LEU A 351 -31.14 11.28 9.50
N LEU A 352 -32.40 11.64 9.23
CA LEU A 352 -33.51 11.29 10.14
C LEU A 352 -34.22 9.97 9.80
N HIS A 353 -33.75 9.23 8.79
CA HIS A 353 -34.41 8.01 8.40
C HIS A 353 -34.32 7.01 9.50
N PRO A 354 -35.37 6.20 9.68
CA PRO A 354 -35.33 5.09 10.65
C PRO A 354 -34.14 4.15 10.47
N PHE A 355 -33.64 4.00 9.25
CA PHE A 355 -32.40 3.25 9.04
C PHE A 355 -31.34 3.67 10.06
N PHE A 356 -31.34 4.95 10.46
CA PHE A 356 -30.29 5.47 11.35
C PHE A 356 -30.54 5.58 12.85
N LYS A 357 -31.66 5.05 13.35
CA LYS A 357 -31.82 4.89 14.80
C LYS A 357 -30.95 3.70 15.17
N ASP A 358 -30.18 3.76 16.26
CA ASP A 358 -30.01 4.92 17.10
C ASP A 358 -28.51 5.25 17.11
N MET A 359 -28.15 6.39 16.51
CA MET A 359 -26.75 6.79 16.35
C MET A 359 -26.61 8.29 16.54
N ARG B 8 -39.42 3.11 -37.40
CA ARG B 8 -38.37 3.75 -38.24
C ARG B 8 -36.94 3.44 -37.74
N LEU B 9 -36.73 3.44 -36.43
CA LEU B 9 -35.41 3.16 -35.86
C LEU B 9 -35.18 1.68 -35.57
N LYS B 10 -34.09 1.11 -36.10
CA LYS B 10 -33.68 -0.23 -35.72
C LYS B 10 -33.69 -0.42 -34.18
N LYS B 11 -34.11 -1.60 -33.73
CA LYS B 11 -34.22 -1.94 -32.30
C LYS B 11 -33.09 -2.84 -31.86
N PRO B 12 -32.72 -2.81 -30.60
CA PRO B 12 -33.23 -1.98 -29.51
C PRO B 12 -32.76 -0.51 -29.55
N PHE B 13 -33.68 0.40 -29.23
CA PHE B 13 -33.27 1.80 -29.10
C PHE B 13 -33.81 2.55 -27.89
N VAL B 14 -33.16 3.69 -27.60
CA VAL B 14 -33.64 4.68 -26.66
C VAL B 14 -33.57 6.06 -27.29
N LYS B 15 -34.66 6.82 -27.15
CA LYS B 15 -34.70 8.19 -27.66
C LYS B 15 -35.07 9.14 -26.54
N VAL B 16 -34.35 10.24 -26.42
CA VAL B 16 -34.67 11.27 -25.46
C VAL B 16 -34.90 12.55 -26.20
N GLU B 17 -36.05 13.18 -25.97
CA GLU B 17 -36.47 14.45 -26.60
C GLU B 17 -36.77 15.48 -25.53
N ASP B 18 -36.44 16.72 -25.80
CA ASP B 18 -36.81 17.77 -24.88
C ASP B 18 -38.23 18.16 -25.23
N MET B 19 -39.14 18.09 -24.28
CA MET B 19 -40.56 18.34 -24.53
C MET B 19 -40.85 19.76 -25.04
N SER B 20 -39.98 20.71 -24.73
CA SER B 20 -40.15 22.10 -25.17
C SER B 20 -39.24 22.51 -26.35
N GLN B 21 -38.66 21.53 -27.06
CA GLN B 21 -37.83 21.73 -28.28
C GLN B 21 -36.46 22.40 -28.10
N LEU B 22 -36.07 22.63 -26.85
CA LEU B 22 -34.79 23.26 -26.48
C LEU B 22 -33.55 22.45 -26.88
N TYR B 23 -33.76 21.25 -27.44
CA TYR B 23 -32.69 20.31 -27.81
C TYR B 23 -33.06 19.52 -29.05
N ARG B 24 -32.05 19.08 -29.78
CA ARG B 24 -32.25 18.04 -30.77
C ARG B 24 -32.40 16.75 -29.97
N PRO B 25 -33.28 15.85 -30.42
CA PRO B 25 -33.34 14.54 -29.74
C PRO B 25 -31.97 13.88 -29.73
N PHE B 26 -31.72 13.01 -28.77
CA PHE B 26 -30.54 12.21 -28.87
C PHE B 26 -30.85 10.72 -28.60
N TYR B 27 -29.91 9.85 -28.96
CA TYR B 27 -30.23 8.45 -29.21
C TYR B 27 -29.20 7.46 -28.70
N LEU B 28 -29.69 6.29 -28.35
CA LEU B 28 -28.83 5.16 -28.05
C LEU B 28 -29.35 3.93 -28.82
N GLN B 29 -28.47 3.31 -29.60
CA GLN B 29 -28.79 2.03 -30.24
C GLN B 29 -27.73 1.02 -29.83
N LEU B 30 -28.18 -0.13 -29.35
CA LEU B 30 -27.25 -1.16 -28.86
C LEU B 30 -27.53 -2.46 -29.59
N THR B 31 -26.61 -3.42 -29.46
CA THR B 31 -26.86 -4.75 -30.02
C THR B 31 -27.93 -5.32 -29.12
N ASN B 32 -27.63 -5.38 -27.83
CA ASN B 32 -28.56 -5.84 -26.83
C ASN B 32 -28.76 -4.80 -25.72
N MET B 33 -29.98 -4.72 -25.25
CA MET B 33 -30.33 -3.96 -24.07
C MET B 33 -29.62 -4.53 -22.86
N PRO B 34 -29.35 -3.68 -21.86
CA PRO B 34 -28.69 -4.20 -20.68
C PRO B 34 -29.55 -5.28 -20.05
N PHE B 35 -28.88 -6.25 -19.43
CA PHE B 35 -29.52 -7.37 -18.82
C PHE B 35 -28.82 -7.58 -17.49
N ILE B 36 -29.58 -7.90 -16.45
CA ILE B 36 -28.97 -8.02 -15.14
C ILE B 36 -28.44 -9.45 -14.98
N ASN B 37 -27.13 -9.57 -14.95
CA ASN B 37 -26.49 -10.87 -14.79
C ASN B 37 -26.23 -11.20 -13.33
N TYR B 38 -27.05 -12.09 -12.77
CA TYR B 38 -26.79 -12.50 -11.41
C TYR B 38 -25.73 -13.59 -11.40
N SER B 39 -25.34 -14.11 -12.56
CA SER B 39 -24.36 -15.22 -12.52
C SER B 39 -22.90 -14.78 -12.46
N ILE B 40 -22.55 -13.68 -13.11
CA ILE B 40 -21.19 -13.14 -12.97
C ILE B 40 -20.75 -12.94 -11.51
N GLN B 41 -19.46 -13.13 -11.21
CA GLN B 41 -19.01 -13.16 -9.82
C GLN B 41 -18.86 -11.78 -9.12
N LYS B 42 -19.15 -11.71 -7.82
CA LYS B 42 -18.73 -10.55 -7.04
C LYS B 42 -17.28 -10.22 -7.39
N PRO B 43 -16.91 -8.92 -7.51
CA PRO B 43 -17.67 -7.65 -7.43
C PRO B 43 -18.09 -7.04 -8.77
N CYS B 44 -18.07 -7.84 -9.84
CA CYS B 44 -18.33 -7.34 -11.17
C CYS B 44 -19.69 -6.75 -11.35
N SER B 45 -19.77 -5.70 -12.16
CA SER B 45 -21.05 -5.13 -12.52
C SER B 45 -21.99 -6.23 -13.07
N PRO B 46 -23.25 -6.26 -12.63
CA PRO B 46 -24.20 -7.16 -13.28
C PRO B 46 -24.47 -6.75 -14.72
N PHE B 47 -23.85 -5.67 -15.17
CA PHE B 47 -24.00 -5.28 -16.58
C PHE B 47 -22.72 -5.51 -17.37
N ASP B 48 -21.76 -6.16 -16.74
CA ASP B 48 -20.45 -6.27 -17.31
C ASP B 48 -20.44 -6.87 -18.73
N GLY B 88 -7.01 17.90 -25.32
CA GLY B 88 -8.44 18.14 -25.21
C GLY B 88 -8.75 19.61 -25.45
N TYR B 89 -9.34 20.25 -24.43
CA TYR B 89 -9.81 21.64 -24.51
C TYR B 89 -9.19 22.53 -23.42
N CYS B 90 -8.66 23.69 -23.82
CA CYS B 90 -8.17 24.66 -22.83
C CYS B 90 -9.28 25.64 -22.51
N GLU B 91 -9.74 25.61 -21.26
CA GLU B 91 -10.77 26.53 -20.77
C GLU B 91 -10.28 27.98 -20.81
N CYS B 92 -8.97 28.17 -20.73
CA CYS B 92 -8.35 29.50 -20.72
C CYS B 92 -8.34 30.16 -22.07
N CYS B 93 -7.79 29.46 -23.06
CA CYS B 93 -7.69 29.95 -24.43
C CYS B 93 -8.93 29.64 -25.29
N LEU B 94 -9.96 29.03 -24.70
CA LEU B 94 -11.18 28.59 -25.41
C LEU B 94 -10.89 27.90 -26.73
N GLN B 95 -9.86 27.05 -26.77
CA GLN B 95 -9.52 26.29 -27.98
C GLN B 95 -9.09 24.85 -27.70
N LYS B 96 -9.43 23.96 -28.64
CA LYS B 96 -8.97 22.57 -28.56
C LYS B 96 -7.50 22.45 -28.96
N TYR B 97 -6.88 21.37 -28.52
CA TYR B 97 -5.50 21.07 -28.89
C TYR B 97 -5.39 19.55 -28.92
N GLU B 98 -4.23 19.05 -29.36
CA GLU B 98 -4.01 17.60 -29.38
C GLU B 98 -2.98 17.17 -28.36
N ASP B 99 -1.86 17.91 -28.32
CA ASP B 99 -0.78 17.65 -27.37
C ASP B 99 -0.60 18.81 -26.38
N LEU B 100 -0.89 18.51 -25.12
CA LEU B 100 -0.83 19.47 -24.02
C LEU B 100 0.51 20.21 -23.91
N GLU B 101 1.58 19.41 -23.91
CA GLU B 101 2.96 19.90 -23.82
C GLU B 101 3.22 21.11 -24.71
N THR B 102 2.74 21.02 -25.94
CA THR B 102 2.98 22.05 -26.93
C THR B 102 2.07 23.22 -26.69
N HIS B 103 0.78 22.93 -26.49
CA HIS B 103 -0.16 24.01 -26.20
C HIS B 103 0.26 24.89 -25.05
N LEU B 104 0.89 24.28 -24.04
CA LEU B 104 1.37 25.02 -22.89
C LEU B 104 2.46 26.01 -23.22
N LEU B 105 3.22 25.72 -24.28
CA LEU B 105 4.32 26.60 -24.74
C LEU B 105 3.89 27.58 -25.84
N SER B 106 2.72 27.34 -26.43
CA SER B 106 2.13 28.23 -27.44
C SER B 106 1.94 29.63 -26.86
N GLU B 107 2.07 30.67 -27.67
CA GLU B 107 2.01 32.04 -27.11
C GLU B 107 0.61 32.49 -26.68
N GLN B 108 -0.45 31.97 -27.32
CA GLN B 108 -1.82 32.23 -26.85
C GLN B 108 -1.89 31.88 -25.37
N HIS B 109 -1.49 30.66 -25.02
CA HIS B 109 -1.56 30.19 -23.65
C HIS B 109 -0.57 30.85 -22.75
N ARG B 110 0.68 30.99 -23.21
CA ARG B 110 1.73 31.62 -22.39
C ARG B 110 1.35 33.05 -21.97
N ASN B 111 0.64 33.77 -22.82
CA ASN B 111 0.11 35.11 -22.48
C ASN B 111 -0.86 35.06 -21.30
N PHE B 112 -1.89 34.23 -21.44
CA PHE B 112 -2.90 34.04 -20.39
C PHE B 112 -2.21 33.63 -19.11
N ALA B 113 -1.36 32.62 -19.22
CA ALA B 113 -0.66 32.06 -18.09
C ALA B 113 0.00 33.17 -17.29
N GLN B 114 0.52 34.17 -18.00
CA GLN B 114 1.30 35.24 -17.38
C GLN B 114 0.49 36.49 -17.03
N SER B 115 -0.76 36.55 -17.49
CA SER B 115 -1.66 37.70 -17.26
C SER B 115 -2.15 37.90 -15.81
N ASN B 116 -3.05 38.87 -15.65
CA ASN B 116 -3.61 39.25 -14.34
C ASN B 116 -4.88 38.45 -13.95
N GLN B 117 -5.32 37.60 -14.88
CA GLN B 117 -6.55 36.82 -14.72
C GLN B 117 -6.65 36.04 -13.40
N TYR B 118 -5.52 35.59 -12.88
CA TYR B 118 -5.48 34.77 -11.68
C TYR B 118 -5.65 35.59 -10.38
N GLN B 119 -6.10 36.83 -10.51
CA GLN B 119 -6.29 37.71 -9.33
C GLN B 119 -7.38 37.17 -8.38
N VAL B 120 -8.49 36.72 -8.96
CA VAL B 120 -9.55 36.04 -8.21
C VAL B 120 -9.04 34.82 -7.45
N VAL B 121 -8.13 34.05 -8.05
CA VAL B 121 -7.46 33.02 -7.27
C VAL B 121 -6.70 33.73 -6.14
N ASP B 122 -5.82 34.66 -6.51
CA ASP B 122 -4.97 35.39 -5.56
C ASP B 122 -5.73 35.97 -4.37
N ASP B 123 -6.86 36.60 -4.66
CA ASP B 123 -7.72 37.12 -3.59
C ASP B 123 -8.13 36.08 -2.56
N ILE B 124 -8.66 34.94 -3.03
CA ILE B 124 -9.06 33.86 -2.09
C ILE B 124 -7.84 33.38 -1.32
N VAL B 125 -6.71 33.28 -2.01
CA VAL B 125 -5.48 32.76 -1.39
C VAL B 125 -4.92 33.64 -0.26
N SER B 126 -4.82 34.96 -0.50
CA SER B 126 -4.23 35.83 0.51
C SER B 126 -5.12 36.00 1.77
N LYS B 127 -6.29 35.37 1.77
CA LYS B 127 -7.17 35.27 2.96
C LYS B 127 -7.00 34.00 3.83
N LEU B 128 -6.14 33.08 3.41
CA LEU B 128 -5.86 31.88 4.21
C LEU B 128 -4.64 32.11 5.06
N VAL B 129 -4.47 31.31 6.10
CA VAL B 129 -3.36 31.49 7.00
C VAL B 129 -2.32 30.39 6.76
N PHE B 130 -1.15 30.81 6.28
CA PHE B 130 0.01 29.94 6.17
C PHE B 130 0.42 29.46 7.54
N ASP B 131 0.78 28.19 7.67
CA ASP B 131 1.14 27.65 8.99
C ASP B 131 2.23 26.57 8.94
N PHE B 132 2.89 26.49 7.80
CA PHE B 132 4.03 25.59 7.67
C PHE B 132 5.32 26.38 7.90
N VAL B 133 6.41 25.66 8.15
CA VAL B 133 7.73 26.28 8.15
C VAL B 133 8.26 26.41 6.73
N GLU B 134 8.75 27.59 6.40
CA GLU B 134 9.35 27.84 5.10
C GLU B 134 10.88 27.92 5.27
N TYR B 135 11.64 27.22 4.41
CA TYR B 135 13.12 27.27 4.44
C TYR B 135 13.68 28.14 3.31
N GLU B 136 14.90 28.64 3.48
CA GLU B 136 15.46 29.65 2.58
C GLU B 136 16.06 29.11 1.26
N LEU C 2 -5.85 -8.16 -3.04
CA LEU C 2 -6.95 -8.79 -2.26
C LEU C 2 -7.60 -9.93 -3.05
N ALA C 3 -7.24 -10.01 -4.33
CA ALA C 3 -7.59 -11.15 -5.19
C ALA C 3 -7.13 -12.45 -4.51
N GLY C 4 -5.85 -12.50 -4.14
CA GLY C 4 -5.27 -13.66 -3.44
C GLY C 4 -5.46 -13.63 -1.93
N VAL C 5 -5.33 -12.44 -1.33
CA VAL C 5 -5.37 -12.25 0.14
C VAL C 5 -6.56 -12.96 0.81
N LYS C 6 -7.77 -12.64 0.33
CA LYS C 6 -8.99 -13.20 0.89
C LYS C 6 -9.03 -14.72 0.74
N LYS C 7 -8.60 -15.19 -0.42
CA LYS C 7 -8.50 -16.62 -0.67
C LYS C 7 -7.51 -17.26 0.31
N ASP C 8 -6.34 -16.62 0.41
CA ASP C 8 -5.29 -17.05 1.32
C ASP C 8 -5.82 -17.22 2.74
N ILE C 9 -6.39 -16.15 3.29
CA ILE C 9 -6.99 -16.19 4.60
C ILE C 9 -7.95 -17.38 4.71
N GLU C 10 -8.90 -17.48 3.78
CA GLU C 10 -9.87 -18.57 3.85
C GLU C 10 -9.19 -19.94 3.87
N LYS C 11 -8.20 -20.13 2.99
CA LYS C 11 -7.46 -21.38 2.98
C LYS C 11 -6.69 -21.67 4.28
N LEU C 12 -6.20 -20.61 4.93
CA LEU C 12 -5.53 -20.75 6.23
C LEU C 12 -6.46 -21.35 7.31
N TYR C 13 -7.65 -20.76 7.45
CA TYR C 13 -8.75 -21.32 8.28
C TYR C 13 -9.10 -22.79 7.93
N GLU C 14 -9.19 -23.11 6.64
CA GLU C 14 -9.43 -24.50 6.22
C GLU C 14 -8.27 -25.40 6.63
N ALA C 15 -7.06 -24.87 6.51
CA ALA C 15 -5.86 -25.62 6.84
C ALA C 15 -5.70 -25.91 8.36
N VAL C 16 -5.96 -24.90 9.19
CA VAL C 16 -5.91 -25.03 10.67
C VAL C 16 -7.22 -24.52 11.26
N PRO C 17 -8.23 -25.41 11.40
CA PRO C 17 -9.57 -24.95 11.78
C PRO C 17 -9.64 -24.29 13.18
N GLN C 18 -8.95 -24.85 14.16
CA GLN C 18 -8.78 -24.25 15.48
C GLN C 18 -8.55 -22.71 15.50
N LEU C 19 -7.92 -22.16 14.46
CA LEU C 19 -7.77 -20.71 14.38
C LEU C 19 -9.09 -19.96 14.34
N SER C 20 -10.14 -20.60 13.83
CA SER C 20 -11.50 -19.99 13.76
C SER C 20 -11.99 -19.65 15.16
N ASN C 21 -11.60 -20.49 16.12
CA ASN C 21 -12.06 -20.40 17.50
C ASN C 21 -11.30 -19.39 18.33
N VAL C 22 -10.18 -18.88 17.81
CA VAL C 22 -9.29 -17.99 18.59
C VAL C 22 -9.04 -16.64 17.94
N PHE C 23 -8.95 -16.61 16.61
CA PHE C 23 -8.47 -15.41 15.91
C PHE C 23 -9.46 -14.91 14.87
N LYS C 24 -9.36 -13.62 14.63
CA LYS C 24 -10.05 -12.97 13.55
C LYS C 24 -8.93 -12.45 12.64
N ILE C 25 -8.64 -13.20 11.57
CA ILE C 25 -7.55 -12.83 10.65
C ILE C 25 -7.96 -11.69 9.72
N GLU C 26 -7.27 -10.56 9.83
CA GLU C 26 -7.59 -9.35 9.05
C GLU C 26 -6.86 -9.32 7.71
N ASP C 27 -5.54 -9.35 7.75
CA ASP C 27 -4.74 -9.14 6.55
C ASP C 27 -3.59 -10.14 6.45
N LYS C 28 -3.00 -10.25 5.26
CA LYS C 28 -1.68 -10.85 5.08
C LYS C 28 -0.68 -9.70 5.10
N ILE C 29 0.46 -9.86 5.73
CA ILE C 29 1.44 -8.76 5.71
C ILE C 29 2.79 -9.12 5.09
N GLY C 30 2.93 -10.37 4.64
CA GLY C 30 4.17 -10.79 4.05
C GLY C 30 4.14 -12.23 3.61
N GLU C 31 4.93 -12.55 2.59
CA GLU C 31 5.11 -13.91 2.15
C GLU C 31 6.55 -14.07 1.71
N GLY C 32 7.18 -15.12 2.17
CA GLY C 32 8.55 -15.44 1.77
C GLY C 32 8.65 -16.86 1.28
N THR C 33 9.87 -17.28 0.97
CA THR C 33 10.08 -18.63 0.50
C THR C 33 9.56 -19.68 1.52
N PHE C 34 9.67 -19.40 2.82
CA PHE C 34 9.30 -20.42 3.83
C PHE C 34 7.99 -20.22 4.63
N SER C 35 7.34 -19.09 4.46
CA SER C 35 6.13 -18.83 5.24
C SER C 35 5.39 -17.60 4.76
N SER C 36 4.18 -17.45 5.27
CA SER C 36 3.47 -16.20 5.14
C SER C 36 3.14 -15.74 6.55
N VAL C 37 3.01 -14.43 6.69
CA VAL C 37 2.64 -13.82 7.96
C VAL C 37 1.34 -13.04 7.79
N TYR C 38 0.40 -13.29 8.71
CA TYR C 38 -0.91 -12.67 8.70
C TYR C 38 -1.13 -11.83 9.95
N LEU C 39 -1.86 -10.73 9.78
CA LEU C 39 -2.26 -9.91 10.89
C LEU C 39 -3.64 -10.38 11.42
N ALA C 40 -3.75 -10.50 12.75
CA ALA C 40 -4.96 -11.03 13.39
C ALA C 40 -5.27 -10.38 14.72
N THR C 41 -6.53 -10.52 15.13
CA THR C 41 -6.99 -10.04 16.42
C THR C 41 -7.46 -11.21 17.25
N ALA C 42 -7.09 -11.21 18.53
CA ALA C 42 -7.50 -12.23 19.46
C ALA C 42 -7.93 -11.55 20.76
N GLN C 43 -8.66 -12.30 21.59
CA GLN C 43 -9.09 -11.83 22.90
C GLN C 43 -8.19 -12.45 23.95
N LEU C 44 -7.53 -11.64 24.78
CA LEU C 44 -6.82 -12.20 25.94
C LEU C 44 -7.78 -12.57 27.08
N GLN C 45 -7.55 -13.69 27.74
CA GLN C 45 -8.31 -14.04 28.94
C GLN C 45 -8.18 -12.95 29.98
N VAL C 46 -6.99 -12.33 30.04
CA VAL C 46 -6.65 -11.37 31.08
C VAL C 46 -7.40 -10.04 30.87
N GLY C 47 -8.03 -9.88 29.70
CA GLY C 47 -8.93 -8.75 29.48
C GLY C 47 -8.86 -8.05 28.12
N PRO C 48 -7.69 -7.49 27.76
CA PRO C 48 -7.65 -6.76 26.48
C PRO C 48 -7.63 -7.62 25.22
N GLU C 49 -7.99 -7.01 24.09
CA GLU C 49 -7.74 -7.56 22.75
C GLU C 49 -6.27 -7.38 22.39
N GLU C 50 -5.71 -8.33 21.65
CA GLU C 50 -4.35 -8.16 21.16
C GLU C 50 -4.26 -8.39 19.65
N LYS C 51 -3.43 -7.58 19.01
CA LYS C 51 -3.08 -7.80 17.63
C LYS C 51 -1.94 -8.81 17.60
N ILE C 52 -2.04 -9.74 16.67
CA ILE C 52 -1.20 -10.95 16.75
C ILE C 52 -0.71 -11.29 15.35
N ALA C 53 0.58 -11.59 15.23
CA ALA C 53 1.17 -11.99 13.95
C ALA C 53 1.10 -13.48 13.84
N LEU C 54 0.54 -13.98 12.76
CA LEU C 54 0.43 -15.42 12.60
C LEU C 54 1.28 -15.89 11.44
N LYS C 55 2.29 -16.70 11.77
CA LYS C 55 3.22 -17.19 10.80
C LYS C 55 2.89 -18.60 10.32
N HIS C 56 2.50 -18.69 9.05
CA HIS C 56 2.17 -19.98 8.43
C HIS C 56 3.39 -20.59 7.81
N LEU C 57 3.92 -21.62 8.45
CA LEU C 57 5.07 -22.33 7.91
C LEU C 57 4.69 -23.23 6.72
N ILE C 58 5.38 -23.05 5.59
CA ILE C 58 5.26 -23.96 4.45
C ILE C 58 5.28 -25.44 4.90
N PRO C 59 4.26 -26.22 4.48
CA PRO C 59 3.98 -27.58 4.94
C PRO C 59 5.05 -28.65 4.60
N THR C 60 5.98 -28.28 3.73
CA THR C 60 7.15 -29.11 3.36
C THR C 60 8.31 -29.04 4.35
N SER C 61 8.19 -28.20 5.38
CA SER C 61 9.26 -28.02 6.36
C SER C 61 9.30 -29.20 7.30
N HIS C 62 10.49 -29.73 7.51
CA HIS C 62 10.66 -30.84 8.40
C HIS C 62 10.30 -30.49 9.82
N PRO C 63 9.52 -31.37 10.49
CA PRO C 63 9.11 -31.21 11.85
C PRO C 63 10.22 -30.71 12.78
N ILE C 64 11.42 -31.22 12.58
CA ILE C 64 12.58 -30.83 13.38
C ILE C 64 12.99 -29.36 13.15
N ARG C 65 13.08 -28.96 11.89
CA ARG C 65 13.25 -27.57 11.52
C ARG C 65 12.18 -26.69 12.21
N ILE C 66 10.91 -27.06 12.05
CA ILE C 66 9.80 -26.41 12.74
C ILE C 66 9.98 -26.30 14.26
N ALA C 67 10.36 -27.39 14.90
CA ALA C 67 10.45 -27.39 16.34
C ALA C 67 11.66 -26.59 16.81
N ALA C 68 12.72 -26.61 16.02
CA ALA C 68 13.88 -25.79 16.31
C ALA C 68 13.58 -24.29 16.16
N GLU C 69 12.84 -23.89 15.11
CA GLU C 69 12.37 -22.52 14.99
C GLU C 69 11.65 -22.13 16.29
N LEU C 70 10.84 -23.06 16.81
CA LEU C 70 9.97 -22.77 17.94
C LEU C 70 10.72 -22.69 19.26
N GLN C 71 11.71 -23.56 19.42
CA GLN C 71 12.56 -23.59 20.62
C GLN C 71 13.41 -22.32 20.77
N CYS C 72 13.89 -21.79 19.65
CA CYS C 72 14.59 -20.51 19.66
C CYS C 72 13.68 -19.38 20.22
N LEU C 73 12.47 -19.26 19.66
CA LEU C 73 11.53 -18.27 20.13
C LEU C 73 11.19 -18.44 21.64
N THR C 74 11.08 -19.69 22.12
CA THR C 74 10.77 -19.97 23.54
C THR C 74 11.93 -19.60 24.45
N VAL C 75 13.11 -20.04 24.07
CA VAL C 75 14.25 -19.98 24.99
C VAL C 75 14.94 -18.63 24.89
N ALA C 76 15.29 -18.21 23.68
CA ALA C 76 16.03 -16.96 23.49
C ALA C 76 15.13 -15.73 23.48
N GLY C 77 13.97 -15.85 22.84
CA GLY C 77 13.07 -14.71 22.59
C GLY C 77 12.30 -14.07 23.74
N GLY C 78 11.54 -13.03 23.42
CA GLY C 78 10.70 -12.37 24.40
C GLY C 78 11.48 -11.38 25.21
N GLN C 79 12.73 -11.14 24.85
CA GLN C 79 13.55 -10.19 25.56
C GLN C 79 14.73 -9.72 24.70
N ASP C 80 15.32 -8.58 25.05
CA ASP C 80 16.51 -8.01 24.37
C ASP C 80 16.30 -7.84 22.88
N ASN C 81 15.11 -7.39 22.52
CA ASN C 81 14.84 -7.18 21.13
C ASN C 81 14.81 -8.45 20.28
N VAL C 82 14.58 -9.60 20.90
CA VAL C 82 14.36 -10.83 20.15
C VAL C 82 12.88 -11.17 20.25
N MET C 83 12.24 -11.43 19.12
CA MET C 83 10.81 -11.80 19.11
C MET C 83 10.60 -13.04 19.96
N GLY C 84 9.47 -13.07 20.67
CA GLY C 84 9.06 -14.27 21.42
C GLY C 84 7.82 -14.89 20.78
N VAL C 85 7.24 -15.88 21.45
CA VAL C 85 6.08 -16.59 20.91
C VAL C 85 5.02 -16.66 22.01
N LYS C 86 3.76 -16.45 21.60
CA LYS C 86 2.61 -16.62 22.48
C LYS C 86 2.14 -18.08 22.47
N TYR C 87 1.89 -18.60 21.28
CA TYR C 87 1.37 -19.94 21.11
C TYR C 87 1.62 -20.45 19.70
N CYS C 88 1.39 -21.74 19.50
CA CYS C 88 1.57 -22.39 18.21
C CYS C 88 0.43 -23.41 17.97
N PHE C 89 -0.09 -23.44 16.74
CA PHE C 89 -1.25 -24.26 16.37
C PHE C 89 -0.93 -25.20 15.22
N ARG C 90 -1.22 -26.49 15.39
CA ARG C 90 -0.93 -27.49 14.37
C ARG C 90 -2.07 -28.46 14.07
N LYS C 91 -2.54 -28.44 12.83
CA LYS C 91 -3.30 -29.57 12.30
C LYS C 91 -2.46 -30.24 11.21
N ASN C 92 -1.99 -31.46 11.51
CA ASN C 92 -1.15 -32.26 10.58
C ASN C 92 0.19 -31.62 10.20
N ASP C 93 0.29 -31.19 8.94
CA ASP C 93 1.50 -30.61 8.39
C ASP C 93 1.40 -29.08 8.32
N HIS C 94 0.30 -28.52 8.82
CA HIS C 94 0.14 -27.07 8.90
C HIS C 94 0.36 -26.56 10.30
N VAL C 95 1.44 -25.79 10.45
CA VAL C 95 1.86 -25.21 11.73
C VAL C 95 1.79 -23.70 11.61
N VAL C 96 1.16 -23.06 12.59
CA VAL C 96 1.03 -21.62 12.63
C VAL C 96 1.58 -21.16 13.98
N ILE C 97 2.52 -20.22 13.93
CA ILE C 97 3.13 -19.64 15.16
C ILE C 97 2.54 -18.25 15.43
N ALA C 98 2.08 -18.04 16.66
CA ALA C 98 1.45 -16.78 17.06
C ALA C 98 2.44 -15.92 17.86
N MET C 99 2.64 -14.66 17.44
CA MET C 99 3.54 -13.73 18.10
C MET C 99 2.82 -12.42 18.36
N PRO C 100 3.24 -11.67 19.39
CA PRO C 100 2.68 -10.31 19.54
C PRO C 100 3.00 -9.47 18.30
N TYR C 101 2.01 -8.79 17.74
CA TYR C 101 2.22 -7.97 16.56
C TYR C 101 3.02 -6.74 16.86
N LEU C 102 4.06 -6.50 16.08
CA LEU C 102 4.76 -5.22 16.15
C LEU C 102 4.58 -4.47 14.83
N GLU C 103 3.94 -3.32 14.90
CA GLU C 103 3.80 -2.49 13.72
C GLU C 103 5.19 -1.94 13.43
N HIS C 104 5.57 -1.89 12.16
CA HIS C 104 6.93 -1.54 11.80
C HIS C 104 7.06 -0.89 10.44
N GLU C 105 8.13 -0.12 10.28
CA GLU C 105 8.43 0.60 9.04
C GLU C 105 8.98 -0.33 7.97
N SER C 106 8.84 0.08 6.71
CA SER C 106 9.61 -0.53 5.64
C SER C 106 10.99 0.13 5.57
N PHE C 107 12.03 -0.68 5.52
CA PHE C 107 13.41 -0.19 5.54
C PHE C 107 13.68 0.83 4.46
N LEU C 108 13.26 0.49 3.24
CA LEU C 108 13.38 1.38 2.09
C LEU C 108 12.82 2.79 2.34
N ASP C 109 11.66 2.88 2.96
CA ASP C 109 11.08 4.18 3.27
C ASP C 109 11.93 5.04 4.19
N ILE C 110 12.25 4.51 5.36
CA ILE C 110 12.99 5.29 6.37
C ILE C 110 14.49 5.47 6.06
N LEU C 111 14.99 4.68 5.11
CA LEU C 111 16.41 4.69 4.80
C LEU C 111 16.99 6.08 4.61
N ASN C 112 16.46 6.85 3.69
CA ASN C 112 17.05 8.15 3.39
C ASN C 112 16.55 9.24 4.34
N SER C 113 15.75 8.85 5.32
CA SER C 113 15.13 9.86 6.17
C SER C 113 15.45 9.76 7.66
N LEU C 114 16.45 8.95 8.03
CA LEU C 114 16.82 8.79 9.43
C LEU C 114 17.90 9.75 9.85
N SER C 115 17.76 10.32 11.05
CA SER C 115 18.82 11.11 11.63
C SER C 115 20.01 10.19 12.02
N PHE C 116 21.22 10.73 12.01
CA PHE C 116 22.36 9.94 12.38
C PHE C 116 22.14 9.26 13.73
N GLN C 117 21.59 10.01 14.69
CA GLN C 117 21.29 9.46 16.00
C GLN C 117 20.36 8.22 15.93
N GLU C 118 19.33 8.27 15.09
CA GLU C 118 18.45 7.12 14.91
C GLU C 118 19.24 5.93 14.37
N VAL C 119 20.18 6.18 13.45
CA VAL C 119 21.08 5.14 12.94
C VAL C 119 21.87 4.50 14.09
N ARG C 120 22.40 5.32 15.00
CA ARG C 120 23.13 4.82 16.16
C ARG C 120 22.28 3.88 16.99
N GLU C 121 21.05 4.31 17.26
CA GLU C 121 20.13 3.53 18.09
C GLU C 121 19.71 2.23 17.43
N TYR C 122 19.58 2.26 16.12
CA TYR C 122 19.13 1.13 15.35
C TYR C 122 20.21 0.07 15.48
N MET C 123 21.47 0.49 15.31
CA MET C 123 22.59 -0.47 15.39
C MET C 123 22.81 -1.02 16.78
N LEU C 124 22.63 -0.16 17.78
CA LEU C 124 22.74 -0.56 19.18
C LEU C 124 21.75 -1.69 19.45
N ASN C 125 20.49 -1.44 19.10
CA ASN C 125 19.44 -2.38 19.38
C ASN C 125 19.52 -3.66 18.54
N LEU C 126 20.14 -3.56 17.35
CA LEU C 126 20.52 -4.75 16.62
C LEU C 126 21.55 -5.61 17.38
N PHE C 127 22.59 -4.98 17.93
CA PHE C 127 23.60 -5.77 18.63
C PHE C 127 23.09 -6.41 19.92
N LYS C 128 22.15 -5.76 20.61
CA LYS C 128 21.50 -6.40 21.78
C LYS C 128 20.86 -7.73 21.39
N ALA C 129 20.02 -7.72 20.34
CA ALA C 129 19.40 -8.94 19.86
C ALA C 129 20.46 -9.97 19.51
N LEU C 130 21.53 -9.54 18.83
CA LEU C 130 22.56 -10.50 18.42
C LEU C 130 23.34 -11.06 19.61
N LYS C 131 23.57 -10.23 20.61
CA LYS C 131 24.29 -10.69 21.79
C LYS C 131 23.51 -11.80 22.48
N ARG C 132 22.21 -11.54 22.67
CA ARG C 132 21.28 -12.48 23.25
C ARG C 132 21.25 -13.84 22.54
N ILE C 133 20.90 -13.87 21.26
CA ILE C 133 20.82 -15.13 20.52
C ILE C 133 22.18 -15.82 20.44
N HIS C 134 23.28 -15.06 20.37
CA HIS C 134 24.61 -15.66 20.35
C HIS C 134 24.99 -16.31 21.66
N GLN C 135 24.56 -15.75 22.78
CA GLN C 135 24.76 -16.42 24.08
C GLN C 135 24.21 -17.85 24.05
N PHE C 136 23.19 -18.11 23.24
CA PHE C 136 22.61 -19.44 23.15
C PHE C 136 23.23 -20.25 22.02
N GLY C 137 24.26 -19.70 21.40
CA GLY C 137 24.93 -20.37 20.29
C GLY C 137 23.94 -20.60 19.17
N ILE C 138 23.07 -19.62 18.96
CA ILE C 138 22.21 -19.64 17.78
C ILE C 138 22.89 -18.79 16.74
N VAL C 139 23.06 -19.36 15.57
CA VAL C 139 23.53 -18.65 14.42
C VAL C 139 22.30 -18.46 13.55
N HIS C 140 21.83 -17.20 13.45
CA HIS C 140 20.58 -16.85 12.76
C HIS C 140 20.62 -17.14 11.28
N ARG C 141 21.67 -16.70 10.59
CA ARG C 141 21.88 -17.01 9.15
C ARG C 141 21.00 -16.21 8.20
N ASP C 142 20.10 -15.40 8.70
CA ASP C 142 19.25 -14.67 7.78
C ASP C 142 19.07 -13.25 8.29
N VAL C 143 20.11 -12.72 8.90
CA VAL C 143 20.07 -11.36 9.40
C VAL C 143 20.04 -10.37 8.22
N LYS C 144 18.97 -9.58 8.14
CA LYS C 144 18.75 -8.62 7.05
C LYS C 144 17.68 -7.68 7.54
N PRO C 145 17.53 -6.48 6.94
CA PRO C 145 16.61 -5.48 7.55
C PRO C 145 15.15 -5.95 7.64
N SER C 146 14.67 -6.75 6.69
CA SER C 146 13.31 -7.30 6.83
C SER C 146 13.14 -8.40 7.91
N ASN C 147 14.22 -8.96 8.44
CA ASN C 147 14.12 -9.84 9.64
C ASN C 147 14.38 -9.12 10.96
N PHE C 148 14.40 -7.79 10.93
CA PHE C 148 14.62 -6.98 12.12
C PHE C 148 13.67 -5.79 12.08
N LEU C 149 12.57 -5.95 12.81
CA LEU C 149 11.44 -5.06 12.76
C LEU C 149 11.73 -3.81 13.57
N TYR C 150 11.40 -2.67 13.00
CA TYR C 150 11.69 -1.40 13.64
C TYR C 150 10.44 -0.55 13.69
N ASN C 151 10.04 -0.18 14.91
CA ASN C 151 8.97 0.81 15.06
C ASN C 151 9.58 2.11 15.47
N ARG C 152 9.69 3.02 14.51
CA ARG C 152 10.36 4.31 14.67
C ARG C 152 9.69 5.17 15.74
N ARG C 153 8.37 5.24 15.69
CA ARG C 153 7.58 6.09 16.58
C ARG C 153 7.66 5.60 18.02
N LEU C 154 7.50 4.30 18.25
CA LEU C 154 7.56 3.77 19.62
C LEU C 154 8.98 3.42 20.02
N LYS C 155 9.92 3.53 19.08
CA LYS C 155 11.32 3.09 19.28
C LYS C 155 11.47 1.65 19.80
N LYS C 156 10.83 0.72 19.10
CA LYS C 156 10.87 -0.69 19.45
C LYS C 156 11.48 -1.51 18.34
N TYR C 157 12.06 -2.65 18.71
CA TYR C 157 12.78 -3.50 17.78
C TYR C 157 12.57 -4.98 18.06
N ALA C 158 12.56 -5.79 17.01
CA ALA C 158 12.50 -7.24 17.21
C ALA C 158 13.18 -8.05 16.11
N LEU C 159 14.14 -8.88 16.51
CA LEU C 159 14.75 -9.78 15.57
C LEU C 159 13.80 -10.94 15.34
N VAL C 160 13.44 -11.20 14.08
CA VAL C 160 12.55 -12.30 13.77
C VAL C 160 13.12 -13.34 12.85
N ASP C 161 12.34 -14.41 12.68
CA ASP C 161 12.59 -15.56 11.78
C ASP C 161 13.75 -16.50 12.07
N PHE C 162 13.55 -17.46 12.96
CA PHE C 162 14.57 -18.47 13.20
C PHE C 162 14.48 -19.65 12.23
N GLY C 163 13.71 -19.47 11.14
CA GLY C 163 13.50 -20.50 10.15
C GLY C 163 14.72 -21.14 9.51
N LEU C 164 15.84 -20.41 9.46
CA LEU C 164 17.02 -21.02 8.87
C LEU C 164 18.20 -21.10 9.79
N ALA C 165 17.94 -20.97 11.08
CA ALA C 165 19.00 -20.94 12.07
C ALA C 165 19.83 -22.22 12.12
N GLN C 166 21.01 -22.12 12.72
CA GLN C 166 21.83 -23.27 13.02
C GLN C 166 22.40 -23.10 14.39
N GLY C 167 22.87 -24.17 15.00
CA GLY C 167 23.58 -24.07 16.26
C GLY C 167 25.07 -23.98 16.02
N THR C 168 25.77 -23.31 16.94
CA THR C 168 27.20 -23.50 17.09
C THR C 168 27.44 -24.97 17.49
N HIS C 169 28.70 -25.41 17.46
CA HIS C 169 29.03 -26.76 17.94
C HIS C 169 28.55 -27.05 19.36
N ASP C 170 28.47 -26.00 20.19
CA ASP C 170 28.05 -26.12 21.59
C ASP C 170 26.76 -25.37 21.94
N THR C 171 25.87 -25.22 20.96
CA THR C 171 24.61 -24.49 21.18
C THR C 171 23.80 -24.97 22.37
N LYS C 172 23.09 -24.06 23.03
CA LYS C 172 22.19 -24.42 24.12
C LYS C 172 20.75 -24.62 23.64
N ILE C 173 20.57 -24.85 22.35
CA ILE C 173 19.24 -25.10 21.82
C ILE C 173 19.30 -26.50 21.22
N GLU C 174 18.95 -27.49 22.05
CA GLU C 174 19.11 -28.92 21.74
C GLU C 174 18.77 -29.31 20.30
N LEU C 175 17.64 -28.80 19.80
CA LEU C 175 17.15 -29.14 18.49
C LEU C 175 17.97 -28.59 17.34
N LEU C 176 18.78 -27.57 17.58
CA LEU C 176 19.62 -27.03 16.51
C LEU C 176 20.70 -28.02 16.09
N LYS C 177 21.01 -28.95 16.99
CA LYS C 177 21.99 -30.01 16.74
C LYS C 177 21.57 -30.92 15.59
N PHE C 178 20.28 -31.20 15.48
CA PHE C 178 19.76 -32.07 14.43
C PHE C 178 19.60 -31.34 13.10
N VAL C 179 20.38 -30.28 12.85
CA VAL C 179 20.15 -29.39 11.69
C VAL C 179 21.19 -29.49 10.54
N GLN C 180 20.65 -29.69 9.34
CA GLN C 180 21.42 -29.76 8.10
C GLN C 180 22.36 -28.58 7.88
N SER C 181 23.68 -28.83 7.88
CA SER C 181 24.69 -27.78 7.59
C SER C 181 24.96 -27.65 6.08
N GLU C 182 25.80 -26.68 5.69
CA GLU C 182 26.05 -26.41 4.27
C GLU C 182 27.06 -27.35 3.58
N ALA C 183 27.62 -28.31 4.34
CA ALA C 183 28.48 -29.34 3.75
C ALA C 183 27.63 -30.44 3.10
N GLN C 184 27.50 -30.38 1.76
CA GLN C 184 26.63 -31.28 1.01
C GLN C 184 27.41 -32.37 0.25
N ARG C 206 17.98 -24.23 2.91
CA ARG C 206 18.42 -23.48 4.09
C ARG C 206 19.22 -22.19 3.74
N ALA C 207 19.00 -21.64 2.55
CA ALA C 207 19.84 -20.54 2.02
C ALA C 207 19.25 -19.15 2.26
N GLY C 208 20.12 -18.22 2.66
CA GLY C 208 19.74 -16.81 2.83
C GLY C 208 19.88 -15.96 1.58
N THR C 209 19.72 -14.65 1.73
CA THR C 209 19.94 -13.73 0.64
C THR C 209 21.46 -13.56 0.40
N PRO C 210 21.94 -13.93 -0.82
CA PRO C 210 23.36 -13.78 -1.24
C PRO C 210 23.99 -12.44 -0.81
N GLY C 211 23.27 -11.34 -0.99
CA GLY C 211 23.73 -10.03 -0.59
C GLY C 211 24.06 -9.78 0.89
N PHE C 212 23.60 -10.66 1.81
CA PHE C 212 23.92 -10.55 3.25
C PHE C 212 24.79 -11.66 3.81
N ARG C 213 25.29 -12.54 2.94
CA ARG C 213 26.10 -13.69 3.35
C ARG C 213 27.62 -13.37 3.40
N ALA C 214 28.29 -13.81 4.45
CA ALA C 214 29.70 -13.48 4.66
C ALA C 214 30.61 -14.29 3.72
N PRO C 215 31.86 -13.85 3.52
CA PRO C 215 32.75 -14.54 2.58
C PRO C 215 32.91 -16.02 2.92
N GLU C 216 33.00 -16.36 4.21
CA GLU C 216 33.10 -17.77 4.59
C GLU C 216 31.85 -18.54 4.21
N VAL C 217 30.70 -17.88 4.21
CA VAL C 217 29.45 -18.52 3.74
C VAL C 217 29.44 -18.68 2.20
N LEU C 218 29.69 -17.61 1.47
CA LEU C 218 29.70 -17.64 0.02
C LEU C 218 30.69 -18.64 -0.58
N THR C 219 31.74 -18.97 0.17
CA THR C 219 32.78 -19.86 -0.34
C THR C 219 32.65 -21.27 0.23
N LYS C 220 31.51 -21.54 0.86
CA LYS C 220 31.20 -22.87 1.41
C LYS C 220 32.20 -23.37 2.43
N CYS C 221 32.64 -22.50 3.32
CA CYS C 221 33.40 -22.96 4.47
C CYS C 221 32.48 -23.86 5.31
N PRO C 222 32.97 -25.04 5.70
CA PRO C 222 32.14 -25.90 6.53
C PRO C 222 32.10 -25.42 7.98
N ASN C 223 33.00 -24.54 8.35
CA ASN C 223 33.00 -24.02 9.71
C ASN C 223 32.40 -22.63 9.70
N GLN C 224 31.10 -22.57 10.00
CA GLN C 224 30.38 -21.30 9.99
C GLN C 224 29.92 -20.99 11.42
N THR C 225 30.33 -19.83 11.94
CA THR C 225 30.09 -19.44 13.34
C THR C 225 29.17 -18.21 13.47
N THR C 226 29.00 -17.73 14.71
CA THR C 226 28.11 -16.59 14.91
C THR C 226 28.62 -15.36 14.16
N ALA C 227 29.92 -15.37 13.85
CA ALA C 227 30.53 -14.27 13.14
C ALA C 227 29.76 -13.97 11.86
N ILE C 228 29.15 -15.00 11.27
CA ILE C 228 28.42 -14.75 10.03
C ILE C 228 27.24 -13.77 10.23
N ASP C 229 26.67 -13.78 11.44
CA ASP C 229 25.59 -12.84 11.73
C ASP C 229 26.16 -11.41 11.81
N MET C 230 27.39 -11.29 12.32
CA MET C 230 28.06 -9.98 12.48
C MET C 230 28.38 -9.32 11.12
N TRP C 231 28.78 -10.15 10.18
CA TRP C 231 28.95 -9.68 8.84
C TRP C 231 27.67 -9.06 8.34
N SER C 232 26.55 -9.78 8.46
CA SER C 232 25.24 -9.26 8.03
C SER C 232 24.87 -7.93 8.74
N ALA C 233 25.10 -7.82 10.05
CA ALA C 233 24.87 -6.54 10.71
C ALA C 233 25.66 -5.42 9.97
N GLY C 234 26.88 -5.76 9.54
CA GLY C 234 27.76 -4.81 8.86
C GLY C 234 27.22 -4.39 7.52
N VAL C 235 26.73 -5.34 6.76
CA VAL C 235 26.00 -5.02 5.54
C VAL C 235 24.81 -4.09 5.80
N ILE C 236 24.01 -4.35 6.83
CA ILE C 236 22.93 -3.41 7.20
C ILE C 236 23.53 -2.03 7.49
N PHE C 237 24.61 -2.00 8.26
CA PHE C 237 25.23 -0.72 8.61
C PHE C 237 25.74 0.04 7.37
N LEU C 238 26.29 -0.72 6.42
CA LEU C 238 26.79 -0.20 5.17
C LEU C 238 25.67 0.50 4.39
N SER C 239 24.50 -0.12 4.38
CA SER C 239 23.31 0.41 3.73
C SER C 239 22.84 1.67 4.44
N LEU C 240 22.89 1.66 5.77
CA LEU C 240 22.51 2.86 6.53
C LEU C 240 23.46 4.01 6.25
N LEU C 241 24.77 3.76 6.26
CA LEU C 241 25.73 4.87 6.08
C LEU C 241 25.86 5.37 4.64
N SER C 242 25.52 4.50 3.68
CA SER C 242 25.66 4.84 2.27
C SER C 242 24.39 5.27 1.58
N GLY C 243 23.23 5.01 2.18
CA GLY C 243 21.93 5.34 1.59
C GLY C 243 21.49 4.35 0.52
N ARG C 244 22.26 3.29 0.31
CA ARG C 244 21.89 2.32 -0.72
C ARG C 244 21.35 1.03 -0.12
N TYR C 245 20.21 0.59 -0.64
CA TYR C 245 19.61 -0.68 -0.27
C TYR C 245 18.85 -1.21 -1.48
N PRO C 246 19.10 -2.48 -1.85
CA PRO C 246 20.12 -3.36 -1.26
C PRO C 246 21.48 -3.01 -1.82
N PHE C 247 22.50 -3.02 -0.97
CA PHE C 247 23.83 -2.59 -1.37
C PHE C 247 24.44 -3.60 -2.37
N TYR C 248 24.54 -4.86 -1.98
CA TYR C 248 24.95 -5.90 -2.91
C TYR C 248 23.73 -6.47 -3.62
N LYS C 249 23.74 -6.43 -4.94
CA LYS C 249 22.63 -6.92 -5.71
C LYS C 249 23.15 -8.11 -6.50
N ALA C 250 23.08 -9.28 -5.89
CA ALA C 250 23.54 -10.52 -6.53
C ALA C 250 22.46 -11.59 -6.42
N SER C 251 22.28 -12.39 -7.46
CA SER C 251 21.32 -13.48 -7.36
C SER C 251 22.00 -14.78 -6.92
N ASP C 252 23.31 -14.84 -7.11
CA ASP C 252 24.08 -16.02 -6.77
C ASP C 252 25.30 -15.65 -5.94
N ASP C 253 25.86 -16.68 -5.30
CA ASP C 253 26.89 -16.48 -4.31
C ASP C 253 28.20 -15.84 -4.81
N LEU C 254 28.69 -16.26 -5.98
CA LEU C 254 29.96 -15.73 -6.46
C LEU C 254 29.88 -14.28 -6.97
N THR C 255 28.74 -13.90 -7.52
CA THR C 255 28.56 -12.49 -7.86
C THR C 255 28.62 -11.61 -6.62
N ALA C 256 28.03 -12.07 -5.52
CA ALA C 256 28.13 -11.33 -4.25
C ALA C 256 29.61 -11.23 -3.83
N LEU C 257 30.33 -12.34 -3.93
CA LEU C 257 31.74 -12.43 -3.54
C LEU C 257 32.54 -11.38 -4.30
N ALA C 258 32.28 -11.30 -5.60
CA ALA C 258 32.95 -10.40 -6.50
C ALA C 258 32.66 -8.95 -6.16
N GLN C 259 31.40 -8.68 -5.78
CA GLN C 259 30.98 -7.33 -5.45
C GLN C 259 31.67 -6.92 -4.15
N ILE C 260 31.78 -7.87 -3.24
CA ILE C 260 32.47 -7.65 -1.97
C ILE C 260 33.94 -7.37 -2.20
N MET C 261 34.56 -8.11 -3.10
CA MET C 261 35.98 -7.93 -3.37
C MET C 261 36.21 -6.54 -3.92
N THR C 262 35.21 -6.01 -4.62
CA THR C 262 35.32 -4.63 -5.12
C THR C 262 35.26 -3.58 -4.00
N ILE C 263 34.84 -3.98 -2.80
CA ILE C 263 34.64 -3.03 -1.72
C ILE C 263 35.76 -3.13 -0.69
N ARG C 264 36.19 -4.37 -0.47
CA ARG C 264 37.09 -4.74 0.60
C ARG C 264 38.42 -5.16 0.06
N GLY C 265 38.51 -5.33 -1.27
CA GLY C 265 39.77 -5.59 -1.96
C GLY C 265 39.98 -7.06 -2.21
N SER C 266 40.46 -7.42 -3.39
CA SER C 266 40.65 -8.84 -3.69
C SER C 266 41.81 -9.45 -2.94
N ARG C 267 42.86 -8.68 -2.71
CA ARG C 267 44.02 -9.22 -2.03
C ARG C 267 43.71 -9.56 -0.60
N GLU C 268 43.05 -8.62 0.08
CA GLU C 268 42.60 -8.83 1.45
C GLU C 268 41.65 -10.05 1.58
N THR C 269 40.80 -10.23 0.57
CA THR C 269 39.87 -11.35 0.55
C THR C 269 40.56 -12.69 0.33
N ILE C 270 41.48 -12.72 -0.63
CA ILE C 270 42.29 -13.92 -0.92
C ILE C 270 43.06 -14.33 0.34
N GLN C 271 43.72 -13.38 0.98
CA GLN C 271 44.47 -13.66 2.23
C GLN C 271 43.57 -14.23 3.34
N ALA C 272 42.40 -13.60 3.58
CA ALA C 272 41.48 -14.04 4.63
C ALA C 272 40.93 -15.44 4.35
N ALA C 273 40.59 -15.71 3.10
CA ALA C 273 40.04 -17.01 2.75
C ALA C 273 41.01 -18.13 3.12
N LYS C 274 42.29 -17.92 2.79
CA LYS C 274 43.36 -18.86 3.16
C LYS C 274 43.29 -19.29 4.62
N THR C 275 43.06 -18.33 5.50
CA THR C 275 43.07 -18.62 6.92
C THR C 275 41.92 -19.52 7.36
N PHE C 276 40.91 -19.68 6.51
CA PHE C 276 39.84 -20.63 6.81
C PHE C 276 39.72 -21.73 5.74
N GLY C 277 40.85 -22.01 5.08
CA GLY C 277 40.95 -23.18 4.23
C GLY C 277 40.48 -23.07 2.80
N LYS C 278 40.36 -21.85 2.29
CA LYS C 278 39.86 -21.67 0.93
C LYS C 278 40.82 -20.88 0.09
N SER C 279 41.05 -21.35 -1.14
CA SER C 279 41.88 -20.60 -2.07
C SER C 279 41.03 -19.93 -3.16
N ILE C 280 41.04 -18.59 -3.16
CA ILE C 280 40.35 -17.80 -4.17
C ILE C 280 41.32 -17.30 -5.23
N LEU C 281 41.05 -17.65 -6.50
CA LEU C 281 41.70 -17.06 -7.67
C LEU C 281 40.81 -16.04 -8.34
N CYS C 282 41.40 -14.91 -8.72
CA CYS C 282 40.65 -13.75 -9.14
C CYS C 282 41.52 -13.08 -10.18
N SER C 283 41.07 -13.07 -11.44
CA SER C 283 41.89 -12.58 -12.55
C SER C 283 42.23 -11.08 -12.47
N LYS C 284 41.24 -10.26 -12.09
CA LYS C 284 41.47 -8.83 -11.88
C LYS C 284 41.75 -8.56 -10.39
N GLU C 285 42.92 -8.01 -10.07
CA GLU C 285 43.10 -7.53 -8.70
C GLU C 285 42.43 -6.18 -8.58
N VAL C 286 41.74 -5.96 -7.47
CA VAL C 286 41.06 -4.69 -7.19
C VAL C 286 41.34 -4.22 -5.76
N PRO C 287 41.63 -2.93 -5.61
CA PRO C 287 42.02 -2.38 -4.31
C PRO C 287 40.85 -2.30 -3.32
N ALA C 288 41.13 -2.30 -2.03
CA ALA C 288 40.12 -1.96 -1.02
C ALA C 288 39.72 -0.49 -1.11
N GLN C 289 38.56 -0.16 -0.57
CA GLN C 289 38.06 1.21 -0.60
C GLN C 289 38.10 1.82 0.77
N ASP C 290 38.47 3.10 0.85
CA ASP C 290 38.28 3.87 2.08
C ASP C 290 36.78 3.89 2.36
N LEU C 291 36.36 3.36 3.50
CA LEU C 291 34.91 3.28 3.78
C LEU C 291 34.21 4.62 3.92
N ARG C 292 34.91 5.63 4.45
CA ARG C 292 34.33 7.00 4.58
C ARG C 292 34.09 7.64 3.22
N LYS C 293 35.09 7.65 2.36
CA LYS C 293 34.89 8.23 1.03
C LYS C 293 33.76 7.52 0.30
N LEU C 294 33.80 6.19 0.29
CA LEU C 294 32.76 5.37 -0.33
C LEU C 294 31.35 5.76 0.09
N CYS C 295 31.09 5.80 1.41
CA CYS C 295 29.74 6.05 1.93
C CYS C 295 29.28 7.48 1.66
N GLU C 296 30.16 8.45 1.93
CA GLU C 296 29.86 9.84 1.70
C GLU C 296 29.50 10.13 0.23
N ARG C 297 30.26 9.56 -0.69
CA ARG C 297 29.98 9.75 -2.11
C ARG C 297 28.68 9.10 -2.57
N LEU C 298 28.42 7.89 -2.09
CA LEU C 298 27.19 7.17 -2.43
C LEU C 298 25.94 7.85 -1.87
N ARG C 299 26.13 8.52 -0.73
CA ARG C 299 25.12 9.22 -0.01
C ARG C 299 25.14 10.69 -0.43
N GLY C 321 24.56 14.62 13.56
CA GLY C 321 24.00 14.76 12.22
C GLY C 321 24.94 14.19 11.16
N TRP C 322 24.48 14.24 9.92
CA TRP C 322 25.23 13.63 8.81
C TRP C 322 26.45 14.39 8.35
N ASN C 323 26.68 15.57 8.93
CA ASN C 323 27.89 16.36 8.66
C ASN C 323 29.02 15.98 9.57
N GLU C 324 28.67 15.37 10.69
CA GLU C 324 29.64 15.04 11.70
C GLU C 324 29.68 13.53 11.92
N VAL C 325 29.62 12.73 10.84
CA VAL C 325 29.76 11.29 11.01
C VAL C 325 31.15 11.02 11.55
N PRO C 326 31.23 10.51 12.80
CA PRO C 326 32.52 10.40 13.45
C PRO C 326 33.28 9.22 12.90
N ASP C 327 34.60 9.25 13.05
CA ASP C 327 35.47 8.20 12.52
C ASP C 327 35.16 6.83 13.09
N GLU C 328 34.53 6.87 14.26
CA GLU C 328 34.22 5.67 15.03
C GLU C 328 33.18 4.84 14.28
N ALA C 329 32.33 5.52 13.49
CA ALA C 329 31.32 4.86 12.70
C ALA C 329 31.97 3.97 11.63
N TYR C 330 32.90 4.55 10.85
CA TYR C 330 33.59 3.80 9.81
C TYR C 330 34.52 2.73 10.34
N ASP C 331 35.10 3.01 11.50
CA ASP C 331 35.92 2.03 12.15
C ASP C 331 35.10 0.78 12.56
N LEU C 332 33.93 1.00 13.16
CA LEU C 332 33.04 -0.11 13.55
C LEU C 332 32.59 -0.89 12.32
N LEU C 333 32.21 -0.17 11.27
CA LEU C 333 31.87 -0.80 10.00
C LEU C 333 33.02 -1.67 9.50
N ASP C 334 34.23 -1.12 9.54
CA ASP C 334 35.43 -1.83 9.11
C ASP C 334 35.62 -3.14 9.88
N LYS C 335 35.21 -3.15 11.15
CA LYS C 335 35.33 -4.34 11.96
C LYS C 335 34.20 -5.34 11.77
N LEU C 336 33.01 -4.82 11.42
CA LEU C 336 31.90 -5.71 11.16
C LEU C 336 32.17 -6.41 9.83
N LEU C 337 32.73 -5.67 8.87
CA LEU C 337 33.07 -6.22 7.58
C LEU C 337 34.50 -6.74 7.55
N ASP C 338 34.94 -7.34 8.65
CA ASP C 338 36.22 -8.01 8.68
C ASP C 338 36.12 -9.28 7.85
N LEU C 339 36.97 -9.40 6.83
CA LEU C 339 36.93 -10.56 5.93
C LEU C 339 37.34 -11.84 6.64
N ASN C 340 37.99 -11.69 7.81
CA ASN C 340 38.43 -12.85 8.60
C ASN C 340 37.43 -13.14 9.72
N PRO C 341 36.79 -14.33 9.70
CA PRO C 341 35.77 -14.61 10.71
C PRO C 341 36.32 -14.66 12.13
N ALA C 342 37.59 -15.00 12.26
CA ALA C 342 38.20 -15.12 13.60
C ALA C 342 38.45 -13.77 14.26
N SER C 343 38.75 -12.75 13.47
CA SER C 343 39.05 -11.40 14.01
C SER C 343 37.88 -10.43 13.92
N ARG C 344 36.80 -10.85 13.25
CA ARG C 344 35.56 -10.07 13.17
C ARG C 344 34.94 -9.83 14.54
N ILE C 345 34.54 -8.60 14.78
CA ILE C 345 34.05 -8.14 16.05
C ILE C 345 32.79 -8.92 16.40
N THR C 346 32.51 -9.07 17.69
CA THR C 346 31.37 -9.84 18.16
C THR C 346 30.29 -8.87 18.64
N ALA C 347 29.09 -9.38 18.88
CA ALA C 347 28.04 -8.52 19.40
C ALA C 347 28.49 -7.91 20.71
N GLU C 348 28.98 -8.74 21.62
CA GLU C 348 29.46 -8.28 22.91
C GLU C 348 30.46 -7.14 22.77
N GLU C 349 31.49 -7.35 21.95
CA GLU C 349 32.49 -6.31 21.70
C GLU C 349 31.92 -5.07 21.00
N ALA C 350 30.96 -5.28 20.09
CA ALA C 350 30.38 -4.16 19.32
C ALA C 350 29.62 -3.22 20.26
N LEU C 351 28.92 -3.81 21.22
CA LEU C 351 28.19 -3.04 22.22
C LEU C 351 29.15 -2.17 23.04
N LEU C 352 30.39 -2.61 23.17
CA LEU C 352 31.44 -1.86 23.87
C LEU C 352 32.26 -0.86 23.04
N HIS C 353 31.92 -0.68 21.76
CA HIS C 353 32.75 0.09 20.81
C HIS C 353 32.55 1.58 21.04
N PRO C 354 33.62 2.41 20.89
CA PRO C 354 33.51 3.84 21.20
C PRO C 354 32.35 4.53 20.48
N PHE C 355 31.95 3.99 19.33
CA PHE C 355 30.81 4.51 18.58
C PHE C 355 29.55 4.60 19.46
N PHE C 356 29.47 3.77 20.51
CA PHE C 356 28.29 3.69 21.37
C PHE C 356 28.43 4.35 22.75
N LYS C 357 29.50 5.10 22.98
CA LYS C 357 29.49 5.98 24.15
C LYS C 357 28.63 7.21 23.80
N ASP C 358 27.99 7.86 24.76
CA ASP C 358 27.66 7.35 26.08
C ASP C 358 26.16 7.08 25.92
N MET C 359 25.75 5.82 26.08
CA MET C 359 24.37 5.44 25.78
C MET C 359 23.79 4.45 26.80
N ARG D 8 44.21 -20.94 -19.20
CA ARG D 8 42.98 -21.76 -19.43
C ARG D 8 41.69 -20.92 -19.40
N LEU D 9 41.26 -20.52 -18.20
CA LEU D 9 40.00 -19.79 -18.08
C LEU D 9 40.02 -18.46 -18.79
N LYS D 10 38.98 -18.19 -19.57
CA LYS D 10 38.76 -16.87 -20.17
C LYS D 10 38.52 -15.81 -19.07
N LYS D 11 38.60 -14.53 -19.44
CA LYS D 11 38.64 -13.43 -18.47
C LYS D 11 37.60 -12.37 -18.74
N PRO D 12 37.08 -11.73 -17.67
CA PRO D 12 37.49 -11.92 -16.29
C PRO D 12 36.84 -13.12 -15.60
N PHE D 13 37.48 -13.61 -14.55
CA PHE D 13 37.00 -14.74 -13.77
C PHE D 13 37.30 -14.70 -12.27
N VAL D 14 36.54 -15.49 -11.53
CA VAL D 14 36.83 -15.81 -10.15
C VAL D 14 36.72 -17.33 -10.03
N LYS D 15 37.54 -17.92 -9.18
CA LYS D 15 37.53 -19.36 -8.99
C LYS D 15 37.81 -19.64 -7.53
N VAL D 16 37.05 -20.57 -6.94
CA VAL D 16 37.17 -20.85 -5.53
C VAL D 16 37.38 -22.34 -5.35
N GLU D 17 38.38 -22.70 -4.53
CA GLU D 17 38.83 -24.07 -4.38
C GLU D 17 39.03 -24.38 -2.92
N ASP D 18 38.74 -25.62 -2.54
CA ASP D 18 39.02 -26.05 -1.17
C ASP D 18 40.46 -26.55 -1.06
N MET D 19 41.16 -26.07 -0.04
CA MET D 19 42.59 -26.35 0.12
C MET D 19 42.89 -27.80 0.52
N SER D 20 41.84 -28.61 0.60
CA SER D 20 41.99 -30.03 0.90
C SER D 20 40.91 -30.89 0.20
N GLN D 21 40.58 -30.53 -1.04
CA GLN D 21 39.70 -31.32 -1.93
C GLN D 21 38.26 -31.57 -1.49
N LEU D 22 37.91 -31.09 -0.30
CA LEU D 22 36.59 -31.34 0.31
C LEU D 22 35.40 -30.93 -0.56
N TYR D 23 35.64 -30.05 -1.53
CA TYR D 23 34.61 -29.60 -2.48
C TYR D 23 35.22 -29.60 -3.89
N ARG D 24 34.36 -29.50 -4.90
CA ARG D 24 34.82 -29.26 -6.25
C ARG D 24 35.02 -27.76 -6.40
N PRO D 25 35.98 -27.36 -7.25
CA PRO D 25 36.09 -25.96 -7.60
C PRO D 25 34.78 -25.44 -8.20
N PHE D 26 34.46 -24.17 -7.93
CA PHE D 26 33.40 -23.50 -8.66
C PHE D 26 33.90 -22.14 -9.13
N TYR D 27 33.20 -21.58 -10.13
CA TYR D 27 33.69 -20.51 -11.00
C TYR D 27 32.64 -19.42 -11.21
N LEU D 28 33.08 -18.20 -11.45
CA LEU D 28 32.21 -17.19 -12.02
C LEU D 28 32.93 -16.56 -13.21
N GLN D 29 32.17 -16.19 -14.24
CA GLN D 29 32.71 -15.58 -15.45
C GLN D 29 31.72 -14.59 -16.02
N LEU D 30 32.04 -13.31 -15.96
CA LEU D 30 31.12 -12.28 -16.45
C LEU D 30 31.79 -11.57 -17.62
N THR D 31 30.99 -10.91 -18.46
CA THR D 31 31.54 -9.94 -19.41
C THR D 31 32.30 -8.91 -18.59
N ASN D 32 31.62 -8.29 -17.64
CA ASN D 32 32.22 -7.28 -16.77
C ASN D 32 32.26 -7.67 -15.29
N MET D 33 33.47 -7.66 -14.71
CA MET D 33 33.67 -7.56 -13.27
C MET D 33 32.81 -6.42 -12.71
N PRO D 34 32.33 -6.55 -11.44
CA PRO D 34 31.43 -5.50 -10.94
C PRO D 34 32.12 -4.15 -10.87
N PHE D 35 31.34 -3.08 -11.00
CA PHE D 35 31.86 -1.73 -11.01
C PHE D 35 31.08 -0.94 -9.96
N ILE D 36 31.77 -0.15 -9.12
CA ILE D 36 31.08 0.82 -8.25
C ILE D 36 30.59 2.02 -9.08
N ASN D 37 29.29 2.02 -9.36
CA ASN D 37 28.66 3.08 -10.06
C ASN D 37 28.10 4.15 -9.14
N TYR D 38 28.84 5.23 -8.95
CA TYR D 38 28.40 6.37 -8.15
C TYR D 38 27.37 7.24 -8.85
N SER D 39 27.08 6.96 -10.12
CA SER D 39 26.25 7.87 -10.86
C SER D 39 24.76 7.51 -10.81
N ILE D 40 24.48 6.26 -10.49
CA ILE D 40 23.13 5.76 -10.27
C ILE D 40 22.49 6.38 -8.99
N GLN D 41 21.17 6.52 -9.01
CA GLN D 41 20.48 7.34 -8.02
C GLN D 41 20.23 6.61 -6.69
N LYS D 42 20.40 7.31 -5.56
CA LYS D 42 19.88 6.84 -4.27
C LYS D 42 18.45 6.38 -4.46
N PRO D 43 18.06 5.24 -3.83
CA PRO D 43 18.81 4.36 -2.96
C PRO D 43 19.29 3.09 -3.69
N CYS D 44 19.41 3.17 -5.00
CA CYS D 44 19.78 2.01 -5.83
C CYS D 44 21.19 1.51 -5.58
N SER D 45 21.37 0.21 -5.75
CA SER D 45 22.64 -0.42 -5.52
C SER D 45 23.72 0.10 -6.48
N PRO D 46 24.94 0.37 -5.95
CA PRO D 46 26.04 0.78 -6.82
C PRO D 46 26.35 -0.30 -7.84
N PHE D 47 25.84 -1.50 -7.62
CA PHE D 47 26.13 -2.58 -8.55
C PHE D 47 24.95 -2.91 -9.48
N ASP D 48 23.93 -2.07 -9.51
CA ASP D 48 22.76 -2.38 -10.32
C ASP D 48 23.05 -2.37 -11.82
N GLY D 88 10.00 -26.47 -5.85
CA GLY D 88 11.26 -26.82 -5.18
C GLY D 88 11.33 -28.22 -4.57
N TYR D 89 11.53 -28.27 -3.26
CA TYR D 89 11.96 -29.50 -2.59
C TYR D 89 11.20 -29.78 -1.28
N CYS D 90 10.68 -31.00 -1.12
CA CYS D 90 10.05 -31.38 0.16
C CYS D 90 11.05 -32.02 1.10
N GLU D 91 11.17 -31.40 2.29
CA GLU D 91 12.08 -31.86 3.31
C GLU D 91 11.51 -33.05 4.05
N CYS D 92 10.23 -33.35 3.83
CA CYS D 92 9.54 -34.37 4.64
C CYS D 92 9.61 -35.73 3.99
N CYS D 93 9.18 -35.77 2.73
CA CYS D 93 9.19 -36.98 1.92
C CYS D 93 10.48 -37.09 1.09
N LEU D 94 11.43 -36.19 1.38
CA LEU D 94 12.78 -36.16 0.79
C LEU D 94 12.85 -36.08 -0.74
N GLN D 95 11.70 -36.09 -1.41
CA GLN D 95 11.66 -36.04 -2.87
C GLN D 95 11.60 -34.62 -3.41
N LYS D 96 12.06 -34.45 -4.64
CA LYS D 96 11.92 -33.18 -5.34
C LYS D 96 10.52 -33.12 -5.91
N TYR D 97 10.07 -31.93 -6.25
CA TYR D 97 8.73 -31.73 -6.79
C TYR D 97 8.73 -30.47 -7.63
N GLU D 98 7.68 -30.27 -8.43
CA GLU D 98 7.58 -29.07 -9.26
C GLU D 98 6.42 -28.16 -8.83
N ASP D 99 5.20 -28.64 -8.98
CA ASP D 99 4.01 -27.93 -8.47
C ASP D 99 3.84 -28.26 -7.00
N LEU D 100 3.80 -27.22 -6.17
CA LEU D 100 3.67 -27.38 -4.72
C LEU D 100 2.37 -28.10 -4.33
N GLU D 101 1.24 -27.53 -4.76
CA GLU D 101 -0.10 -28.00 -4.42
C GLU D 101 -0.32 -29.50 -4.65
N THR D 102 0.05 -29.96 -5.83
CA THR D 102 -0.15 -31.35 -6.20
C THR D 102 0.68 -32.29 -5.31
N HIS D 103 1.97 -32.00 -5.14
CA HIS D 103 2.80 -32.80 -4.22
C HIS D 103 2.18 -32.94 -2.85
N LEU D 104 1.36 -31.96 -2.48
CA LEU D 104 0.82 -31.91 -1.13
C LEU D 104 -0.29 -32.94 -0.87
N LEU D 105 -1.26 -33.03 -1.78
CA LEU D 105 -2.37 -33.97 -1.61
C LEU D 105 -1.99 -35.42 -1.84
N SER D 106 -0.99 -35.62 -2.69
CA SER D 106 -0.44 -36.94 -2.99
C SER D 106 -0.12 -37.73 -1.73
N GLU D 107 -0.26 -39.05 -1.82
CA GLU D 107 -0.15 -39.95 -0.66
C GLU D 107 1.14 -39.87 0.16
N GLN D 108 2.31 -39.91 -0.49
CA GLN D 108 3.61 -39.84 0.21
C GLN D 108 3.52 -38.78 1.30
N HIS D 109 3.19 -37.57 0.86
CA HIS D 109 3.06 -36.41 1.73
C HIS D 109 1.86 -36.47 2.64
N ARG D 110 0.72 -36.85 2.07
CA ARG D 110 -0.53 -36.97 2.85
C ARG D 110 -0.34 -37.89 4.06
N ASN D 111 0.56 -38.86 3.95
CA ASN D 111 0.84 -39.78 5.03
C ASN D 111 1.81 -39.24 6.05
N PHE D 112 2.75 -38.43 5.56
CA PHE D 112 3.70 -37.74 6.44
C PHE D 112 2.89 -36.78 7.32
N ALA D 113 2.10 -35.93 6.68
CA ALA D 113 1.16 -35.04 7.36
C ALA D 113 0.45 -35.74 8.54
N GLN D 114 -0.12 -36.92 8.26
CA GLN D 114 -0.98 -37.62 9.23
C GLN D 114 -0.20 -38.41 10.27
N SER D 115 1.10 -38.60 10.03
CA SER D 115 1.95 -39.40 10.93
C SER D 115 2.20 -38.74 12.29
N ASN D 116 2.94 -39.44 13.14
CA ASN D 116 3.34 -38.88 14.42
C ASN D 116 4.78 -38.37 14.40
N GLN D 117 5.22 -37.90 13.23
CA GLN D 117 6.54 -37.27 13.11
C GLN D 117 6.60 -35.94 13.88
N TYR D 118 5.43 -35.32 13.99
CA TYR D 118 5.29 -34.01 14.57
C TYR D 118 5.29 -34.02 16.09
N GLN D 119 5.58 -35.16 16.71
CA GLN D 119 5.56 -35.23 18.15
C GLN D 119 6.48 -34.17 18.78
N VAL D 120 7.70 -34.08 18.24
CA VAL D 120 8.71 -33.13 18.73
C VAL D 120 8.23 -31.66 18.82
N VAL D 121 7.38 -31.26 17.87
CA VAL D 121 6.68 -29.99 17.91
C VAL D 121 5.70 -29.93 19.09
N ASP D 122 4.74 -30.86 19.12
CA ASP D 122 3.77 -30.95 20.23
C ASP D 122 4.42 -30.90 21.62
N ASP D 123 5.56 -31.57 21.80
CA ASP D 123 6.27 -31.54 23.08
C ASP D 123 6.66 -30.13 23.50
N ILE D 124 7.14 -29.34 22.56
CA ILE D 124 7.48 -27.95 22.89
C ILE D 124 6.20 -27.12 23.10
N VAL D 125 5.24 -27.22 22.17
CA VAL D 125 3.97 -26.49 22.29
C VAL D 125 3.31 -26.66 23.65
N SER D 126 3.19 -27.91 24.08
CA SER D 126 2.54 -28.18 25.35
C SER D 126 3.31 -27.64 26.55
N LYS D 127 4.46 -27.01 26.34
CA LYS D 127 5.13 -26.30 27.43
C LYS D 127 4.87 -24.76 27.44
N LEU D 128 4.06 -24.30 26.48
CA LEU D 128 3.68 -22.89 26.36
C LEU D 128 2.35 -22.65 27.06
N VAL D 129 2.18 -21.51 27.73
CA VAL D 129 0.86 -21.19 28.31
C VAL D 129 -0.07 -20.45 27.34
N PHE D 130 -1.24 -21.04 27.12
CA PHE D 130 -2.30 -20.48 26.29
C PHE D 130 -2.99 -19.37 27.06
N ASP D 131 -2.88 -18.12 26.59
CA ASP D 131 -3.55 -17.03 27.29
C ASP D 131 -4.67 -16.32 26.54
N PHE D 132 -5.11 -16.92 25.42
CA PHE D 132 -6.21 -16.37 24.62
C PHE D 132 -7.53 -16.97 25.07
N VAL D 133 -8.62 -16.28 24.75
CA VAL D 133 -9.94 -16.87 24.86
C VAL D 133 -10.28 -17.79 23.68
N GLU D 134 -10.73 -19.01 23.97
CA GLU D 134 -11.16 -19.94 22.94
C GLU D 134 -12.68 -20.08 22.91
N TYR D 135 -13.24 -20.02 21.71
CA TYR D 135 -14.68 -20.15 21.52
C TYR D 135 -15.06 -21.54 20.97
N GLU D 136 -16.30 -21.98 21.28
CA GLU D 136 -16.76 -23.36 21.02
C GLU D 136 -17.22 -23.51 19.57
CAF 0SY E . -8.05 14.80 -2.81
CAO 0SY E . -8.55 14.55 -4.03
CAL 0SY E . -9.16 15.33 -4.91
OAA 0SY E . -9.34 16.51 -4.65
NAJ 0SY E . -9.63 14.85 -6.16
CAG 0SY E . -9.45 13.41 -6.51
CAH 0SY E . -8.81 12.57 -5.39
CAP 0SY E . -8.36 13.23 -4.23
NAK 0SY E . -7.77 12.67 -3.18
CAN 0SY E . -7.54 13.66 -2.31
CAM 0SY E . -6.99 13.55 -1.08
CAD 0SY E . -7.00 14.59 -0.16
CAB 0SY E . -6.46 14.47 1.13
NAI 0SY E . -5.91 13.25 1.54
CAC 0SY E . -5.89 12.17 0.61
CAE 0SY E . -6.42 12.34 -0.67
ZN ZN F . -4.37 27.63 -23.24
CAF 0SY G . 7.79 -12.42 11.79
CAO 0SY G . 8.38 -12.82 10.64
CAL 0SY G . 9.09 -13.91 10.29
OAA 0SY G . 9.38 -14.79 11.10
NAJ 0SY G . 9.59 -14.07 8.99
CAG 0SY G . 9.37 -13.09 7.93
CAH 0SY G . 8.57 -11.88 8.37
CAP 0SY G . 8.13 -11.84 9.72
NAK 0SY G . 7.38 -10.87 10.26
CAN 0SY G . 7.14 -11.26 11.53
CAM 0SY G . 6.45 -10.48 12.40
CAD 0SY G . 6.37 -10.78 13.77
CAB 0SY G . 5.67 -9.94 14.65
NAI 0SY G . 5.04 -8.78 14.16
CAC 0SY G . 5.11 -8.47 12.77
CAE 0SY G . 5.81 -9.32 11.92
ZN ZN H . 6.18 -34.10 1.07
#